data_6L2Q
#
_entry.id   6L2Q
#
_cell.length_a   86.231
_cell.length_b   101.917
_cell.length_c   105.641
_cell.angle_alpha   90.000
_cell.angle_beta   90.000
_cell.angle_gamma   90.000
#
_symmetry.space_group_name_H-M   'P 21 21 21'
#
loop_
_entity.id
_entity.type
_entity.pdbx_description
1 polymer 'Threonine--tRNA ligase'
2 non-polymer 'ZINC ION'
3 non-polymer (2S,3R)-2-azanyl-N-[(E)-4-[6,7-bis(chloranyl)-4-oxidanylidene-quinazolin-3-yl]but-2-enyl]-3-oxidanyl-butanamide
4 non-polymer 1,2-ETHANEDIOL
5 water water
#
_entity_poly.entity_id   1
_entity_poly.type   'polypeptide(L)'
_entity_poly.pdbx_seq_one_letter_code
;MGRDHRKIGKQLDLYHMQEEAPGMVFWHNDGWTIFRELEVFVRSKLKEYQYQEVKGPFMMDRVLWEKTGHWDNYKDAMFT
TSSENREYCIKPMNCPGHVQIFNQGLKSYRDLPLRMAEFGSCHRNEPSGALHGLMRVRGFTQDDAHIFCTEEQIRDEVNA
CIRMVYDMYSTFGFEKIVVKLSTRPDKRIGSDEMWDRAEADLAVALEENNIPFEYQLGEGAFYGPKIEFTLYDCLDRAWQ
CGTVQLDFSLPSRLSASYVGEDNERKVPVMIHRAILGSMERFIGILTEEFAGFFPTWLAPVQVVVMNITDSQSEYVNELT
QKLQNAGIRVKADLRNEKIGFKIREHTLRRVPYMLVCGDKEVEAGKVAVRTRRGKDLGSLDVNDVIEKLQQEIRSRSLQQ
LEELEHHHHHH
;
_entity_poly.pdbx_strand_id   A,B
#
# COMPACT_ATOMS: atom_id res chain seq x y z
N GLY A 2 -0.98 -6.13 29.92
CA GLY A 2 -0.78 -4.70 29.91
C GLY A 2 -1.42 -4.06 28.70
N ARG A 3 -1.55 -2.74 28.74
CA ARG A 3 -2.21 -2.00 27.69
C ARG A 3 -1.38 -0.80 27.26
N ASP A 4 -0.10 -0.91 27.33
CA ASP A 4 0.79 0.17 26.86
C ASP A 4 1.29 -0.21 25.46
N HIS A 5 0.82 0.52 24.44
CA HIS A 5 1.20 0.25 23.04
C HIS A 5 2.70 0.37 22.77
N ARG A 6 3.35 1.27 23.49
CA ARG A 6 4.81 1.41 23.43
C ARG A 6 5.54 0.17 23.95
N LYS A 7 5.07 -0.35 25.08
CA LYS A 7 5.57 -1.59 25.67
C LYS A 7 5.30 -2.79 24.74
N ILE A 8 4.03 -2.97 24.38
CA ILE A 8 3.59 -4.10 23.54
C ILE A 8 4.25 -4.08 22.15
N GLY A 9 4.38 -2.89 21.58
CA GLY A 9 5.03 -2.70 20.28
C GLY A 9 6.47 -3.19 20.22
N LYS A 10 7.18 -3.01 21.31
CA LYS A 10 8.55 -3.51 21.47
C LYS A 10 8.55 -5.02 21.66
N GLN A 11 7.68 -5.50 22.56
CA GLN A 11 7.56 -6.93 22.92
C GLN A 11 7.18 -7.84 21.75
N LEU A 12 6.23 -7.37 20.92
CA LEU A 12 5.76 -8.10 19.74
C LEU A 12 6.45 -7.66 18.44
N ASP A 13 7.44 -6.77 18.55
CA ASP A 13 8.32 -6.38 17.44
C ASP A 13 7.51 -5.77 16.28
N LEU A 14 6.61 -4.86 16.63
CA LEU A 14 5.71 -4.23 15.66
C LEU A 14 6.32 -2.99 15.04
N TYR A 15 6.94 -2.15 15.88
CA TYR A 15 7.51 -0.89 15.43
C TYR A 15 8.54 -0.38 16.41
N HIS A 16 9.25 0.67 16.01
CA HIS A 16 10.03 1.48 16.94
C HIS A 16 10.15 2.91 16.43
N MET A 17 10.62 3.77 17.33
CA MET A 17 10.88 5.17 17.00
C MET A 17 12.23 5.60 17.57
N GLN A 18 12.85 6.56 16.90
CA GLN A 18 14.15 7.12 17.29
C GLN A 18 14.13 8.63 17.33
N GLU A 19 15.15 9.19 17.98
CA GLU A 19 15.36 10.63 18.03
C GLU A 19 15.74 11.23 16.67
N GLU A 20 16.37 10.44 15.80
CA GLU A 20 16.78 10.89 14.46
C GLU A 20 15.60 11.25 13.55
N ALA A 21 14.42 10.71 13.83
CA ALA A 21 13.20 11.02 13.10
C ALA A 21 11.98 11.13 14.06
N PRO A 22 11.92 12.21 14.85
CA PRO A 22 10.88 12.34 15.88
C PRO A 22 9.46 12.29 15.33
N GLY A 23 8.61 11.50 15.99
CA GLY A 23 7.20 11.37 15.63
C GLY A 23 6.95 10.67 14.30
N MET A 24 7.88 9.82 13.87
CA MET A 24 7.75 9.11 12.60
C MET A 24 8.14 7.65 12.76
N VAL A 25 7.21 6.76 12.40
CA VAL A 25 7.28 5.35 12.78
C VAL A 25 8.15 4.53 11.82
N PHE A 26 8.98 3.67 12.40
CA PHE A 26 9.62 2.58 11.68
C PHE A 26 8.76 1.33 11.89
N TRP A 27 8.02 0.95 10.85
CA TRP A 27 7.19 -0.24 10.92
C TRP A 27 8.02 -1.48 10.62
N HIS A 28 8.15 -2.34 11.62
CA HIS A 28 8.72 -3.67 11.45
C HIS A 28 7.75 -4.57 10.70
N ASN A 29 8.25 -5.73 10.29
CA ASN A 29 7.47 -6.72 9.52
C ASN A 29 6.07 -7.00 10.08
N ASP A 30 6.01 -7.35 11.36
CA ASP A 30 4.76 -7.72 12.02
C ASP A 30 3.79 -6.57 12.23
N GLY A 31 4.31 -5.39 12.52
CA GLY A 31 3.49 -4.18 12.60
C GLY A 31 2.98 -3.75 11.24
N TRP A 32 3.84 -3.84 10.24
CA TRP A 32 3.46 -3.51 8.85
C TRP A 32 2.43 -4.48 8.28
N THR A 33 2.48 -5.73 8.72
CA THR A 33 1.42 -6.70 8.42
C THR A 33 0.07 -6.26 8.98
N ILE A 34 0.05 -5.76 10.22
CA ILE A 34 -1.17 -5.22 10.84
C ILE A 34 -1.67 -4.02 10.04
N PHE A 35 -0.76 -3.08 9.78
CA PHE A 35 -1.04 -1.90 8.97
C PHE A 35 -1.69 -2.26 7.62
N ARG A 36 -1.07 -3.19 6.90
CA ARG A 36 -1.55 -3.57 5.58
C ARG A 36 -2.93 -4.24 5.62
N GLU A 37 -3.21 -5.04 6.64
CA GLU A 37 -4.54 -5.62 6.80
C GLU A 37 -5.62 -4.59 7.12
N LEU A 38 -5.26 -3.57 7.89
CA LEU A 38 -6.13 -2.44 8.16
C LEU A 38 -6.47 -1.68 6.88
N GLU A 39 -5.45 -1.45 6.04
CA GLU A 39 -5.63 -0.87 4.71
C GLU A 39 -6.58 -1.68 3.85
N VAL A 40 -6.35 -3.00 3.79
CA VAL A 40 -7.23 -3.93 3.06
C VAL A 40 -8.68 -3.81 3.55
N PHE A 41 -8.86 -3.75 4.87
CA PHE A 41 -10.20 -3.60 5.44
C PHE A 41 -10.86 -2.28 4.99
N VAL A 42 -10.11 -1.19 5.11
CA VAL A 42 -10.61 0.13 4.70
C VAL A 42 -10.98 0.12 3.21
N ARG A 43 -10.12 -0.48 2.38
CA ARG A 43 -10.41 -0.63 0.94
C ARG A 43 -11.71 -1.36 0.64
N SER A 44 -12.03 -2.38 1.43
CA SER A 44 -13.27 -3.12 1.23
C SER A 44 -14.50 -2.25 1.53
N LYS A 45 -14.34 -1.31 2.48
CA LYS A 45 -15.37 -0.32 2.75
C LYS A 45 -15.42 0.74 1.65
N LEU A 46 -14.26 1.19 1.16
CA LEU A 46 -14.20 2.13 0.03
C LEU A 46 -14.91 1.60 -1.21
N LYS A 47 -14.71 0.32 -1.52
CA LYS A 47 -15.43 -0.33 -2.63
C LYS A 47 -16.93 -0.44 -2.32
N GLU A 48 -17.28 -0.85 -1.11
CA GLU A 48 -18.68 -0.98 -0.70
C GLU A 48 -19.45 0.34 -0.80
N TYR A 49 -18.83 1.41 -0.30
CA TYR A 49 -19.44 2.75 -0.32
C TYR A 49 -19.11 3.59 -1.59
N GLN A 50 -18.64 2.93 -2.65
CA GLN A 50 -18.45 3.55 -3.97
C GLN A 50 -17.50 4.76 -3.95
N TYR A 51 -16.32 4.55 -3.37
CA TYR A 51 -15.24 5.54 -3.40
C TYR A 51 -14.21 5.15 -4.46
N GLN A 52 -13.69 6.14 -5.15
CA GLN A 52 -12.45 5.99 -5.90
C GLN A 52 -11.30 6.07 -4.89
N GLU A 53 -10.21 5.39 -5.20
CA GLU A 53 -8.94 5.54 -4.49
C GLU A 53 -7.84 6.07 -5.40
N VAL A 54 -7.17 7.14 -4.93
CA VAL A 54 -6.13 7.83 -5.68
C VAL A 54 -4.87 7.97 -4.84
N LYS A 55 -3.82 8.48 -5.46
CA LYS A 55 -2.58 8.80 -4.78
C LYS A 55 -2.02 10.10 -5.35
N GLY A 56 -1.77 11.05 -4.44
CA GLY A 56 -1.24 12.36 -4.79
C GLY A 56 0.22 12.50 -4.36
N PRO A 57 0.94 13.46 -4.96
CA PRO A 57 2.36 13.62 -4.66
C PRO A 57 2.62 14.14 -3.25
N PHE A 58 3.82 13.92 -2.76
CA PHE A 58 4.21 14.32 -1.40
C PHE A 58 4.41 15.81 -1.18
N MET A 59 4.75 16.54 -2.24
CA MET A 59 4.93 17.98 -2.14
C MET A 59 4.36 18.72 -3.34
N MET A 60 4.02 19.99 -3.09
CA MET A 60 3.44 20.90 -4.07
C MET A 60 3.89 22.32 -3.75
N ASP A 61 3.92 23.15 -4.78
CA ASP A 61 4.38 24.53 -4.68
C ASP A 61 3.64 25.30 -3.58
N ARG A 62 4.40 26.08 -2.81
CA ARG A 62 3.85 26.96 -1.77
C ARG A 62 2.78 27.90 -2.34
N VAL A 63 3.04 28.43 -3.54
CA VAL A 63 2.10 29.29 -4.28
C VAL A 63 0.68 28.71 -4.30
N LEU A 64 0.59 27.39 -4.53
CA LEU A 64 -0.70 26.71 -4.53
C LEU A 64 -1.30 26.65 -3.12
N TRP A 65 -0.49 26.28 -2.14
CA TRP A 65 -0.93 26.23 -0.73
C TRP A 65 -1.36 27.59 -0.18
N GLU A 66 -0.74 28.67 -0.65
CA GLU A 66 -1.13 30.03 -0.27
C GLU A 66 -2.57 30.36 -0.72
N LYS A 67 -2.98 29.83 -1.88
CA LYS A 67 -4.33 30.01 -2.42
C LYS A 67 -5.45 29.28 -1.65
N THR A 68 -5.09 28.27 -0.86
CA THR A 68 -6.09 27.49 -0.11
C THR A 68 -6.76 28.27 1.02
N GLY A 69 -6.05 29.26 1.54
CA GLY A 69 -6.53 30.05 2.69
C GLY A 69 -6.31 29.39 4.04
N HIS A 70 -5.42 28.40 4.10
CA HIS A 70 -4.96 27.81 5.35
C HIS A 70 -3.60 28.36 5.78
N TRP A 71 -2.90 29.03 4.86
CA TRP A 71 -1.49 29.39 5.03
C TRP A 71 -1.24 30.25 6.28
N ASP A 72 -2.02 31.33 6.42
CA ASP A 72 -1.84 32.26 7.53
C ASP A 72 -2.01 31.61 8.92
N ASN A 73 -2.97 30.70 9.03
CA ASN A 73 -3.28 30.02 10.30
C ASN A 73 -2.37 28.82 10.63
N TYR A 74 -1.84 28.17 9.60
CA TYR A 74 -1.08 26.90 9.76
C TYR A 74 0.38 26.89 9.25
N LYS A 75 0.90 28.03 8.79
CA LYS A 75 2.29 28.10 8.24
C LYS A 75 3.38 27.52 9.15
N ASP A 76 3.23 27.71 10.46
CA ASP A 76 4.20 27.20 11.45
C ASP A 76 4.23 25.67 11.52
N ALA A 77 3.08 25.04 11.28
CA ALA A 77 2.95 23.58 11.36
C ALA A 77 3.29 22.83 10.04
N MET A 78 3.90 23.51 9.09
CA MET A 78 4.14 22.96 7.76
C MET A 78 5.63 22.84 7.47
N PHE A 79 6.05 21.65 7.04
CA PHE A 79 7.41 21.43 6.56
C PHE A 79 7.51 22.00 5.16
N THR A 80 8.63 22.66 4.89
CA THR A 80 8.92 23.19 3.57
C THR A 80 10.30 22.74 3.12
N THR A 81 10.47 22.65 1.81
CA THR A 81 11.76 22.34 1.19
C THR A 81 11.83 23.06 -0.15
N SER A 82 13.05 23.41 -0.57
CA SER A 82 13.25 24.23 -1.75
C SER A 82 13.95 23.49 -2.89
N SER A 83 13.74 23.96 -4.11
CA SER A 83 14.42 23.44 -5.29
C SER A 83 14.32 24.44 -6.44
N GLU A 84 15.47 24.87 -6.96
CA GLU A 84 15.54 25.76 -8.14
C GLU A 84 14.69 27.03 -7.98
N ASN A 85 14.93 27.74 -6.88
CA ASN A 85 14.24 29.01 -6.57
C ASN A 85 12.73 28.92 -6.30
N ARG A 86 12.24 27.71 -6.02
CA ARG A 86 10.84 27.45 -5.73
C ARG A 86 10.72 26.76 -4.39
N GLU A 87 9.74 27.17 -3.59
CA GLU A 87 9.49 26.56 -2.29
C GLU A 87 8.30 25.58 -2.38
N TYR A 88 8.48 24.40 -1.81
CA TYR A 88 7.45 23.37 -1.80
C TYR A 88 7.06 23.02 -0.35
N CYS A 89 5.77 22.86 -0.11
CA CYS A 89 5.29 22.31 1.16
C CYS A 89 5.20 20.81 1.06
N ILE A 90 5.65 20.10 2.09
CA ILE A 90 5.35 18.67 2.23
C ILE A 90 3.91 18.63 2.73
N LYS A 91 3.07 17.79 2.13
CA LYS A 91 1.62 17.92 2.35
C LYS A 91 1.19 17.57 3.80
N PRO A 92 0.51 18.49 4.50
CA PRO A 92 -0.13 18.19 5.78
C PRO A 92 -1.55 17.62 5.65
N MET A 93 -2.13 17.76 4.46
CA MET A 93 -3.48 17.32 4.15
C MET A 93 -3.51 16.91 2.67
N ASN A 94 -4.52 16.14 2.31
CA ASN A 94 -4.68 15.60 0.97
C ASN A 94 -5.69 16.32 0.08
N CYS A 95 -6.40 17.29 0.65
CA CYS A 95 -7.54 17.92 -0.01
C CYS A 95 -7.15 18.66 -1.29
N PRO A 96 -6.12 19.54 -1.23
CA PRO A 96 -5.76 20.26 -2.45
C PRO A 96 -5.32 19.38 -3.61
N GLY A 97 -4.58 18.31 -3.30
CA GLY A 97 -4.19 17.31 -4.30
C GLY A 97 -5.38 16.64 -4.99
N HIS A 98 -6.43 16.39 -4.23
CA HIS A 98 -7.66 15.78 -4.75
C HIS A 98 -8.42 16.72 -5.68
N VAL A 99 -8.40 18.01 -5.35
CA VAL A 99 -8.96 19.03 -6.21
C VAL A 99 -8.23 19.07 -7.55
N GLN A 100 -6.90 18.94 -7.53
CA GLN A 100 -6.11 18.91 -8.77
C GLN A 100 -6.55 17.77 -9.67
N ILE A 101 -6.73 16.58 -9.08
CA ILE A 101 -7.23 15.42 -9.81
C ILE A 101 -8.61 15.72 -10.38
N PHE A 102 -9.48 16.27 -9.52
CA PHE A 102 -10.83 16.66 -9.92
C PHE A 102 -10.84 17.63 -11.12
N ASN A 103 -9.91 18.59 -11.10
CA ASN A 103 -9.79 19.59 -12.17
C ASN A 103 -9.29 19.06 -13.53
N GLN A 104 -8.78 17.84 -13.57
CA GLN A 104 -8.40 17.21 -14.83
C GLN A 104 -9.63 16.65 -15.54
N GLY A 105 -9.88 17.15 -16.75
CA GLY A 105 -11.06 16.77 -17.53
C GLY A 105 -12.27 17.55 -17.09
N LEU A 106 -13.20 17.76 -18.02
CA LEU A 106 -14.44 18.48 -17.74
C LEU A 106 -15.38 17.61 -16.92
N LYS A 107 -15.81 18.12 -15.78
CA LYS A 107 -16.75 17.41 -14.89
C LYS A 107 -18.18 17.88 -15.11
N SER A 108 -19.12 16.94 -14.91
CA SER A 108 -20.56 17.18 -15.08
C SER A 108 -21.29 16.87 -13.79
N TYR A 109 -22.56 17.27 -13.73
CA TYR A 109 -23.48 16.90 -12.64
C TYR A 109 -23.66 15.37 -12.55
N ARG A 110 -23.59 14.71 -13.71
CA ARG A 110 -23.60 13.24 -13.79
C ARG A 110 -22.44 12.54 -13.08
N ASP A 111 -21.29 13.21 -13.00
CA ASP A 111 -20.13 12.71 -12.23
C ASP A 111 -20.25 12.88 -10.72
N LEU A 112 -21.24 13.68 -10.27
CA LEU A 112 -21.48 13.89 -8.83
C LEU A 112 -22.58 12.95 -8.30
N PRO A 113 -22.46 12.48 -7.06
CA PRO A 113 -21.33 12.74 -6.16
C PRO A 113 -20.08 11.95 -6.54
N LEU A 114 -18.94 12.62 -6.52
CA LEU A 114 -17.65 12.01 -6.81
C LEU A 114 -16.92 11.86 -5.48
N ARG A 115 -16.66 10.62 -5.10
CA ARG A 115 -16.06 10.28 -3.80
C ARG A 115 -14.63 9.80 -4.01
N MET A 116 -13.67 10.62 -3.58
CA MET A 116 -12.26 10.39 -3.84
C MET A 116 -11.51 10.14 -2.53
N ALA A 117 -11.08 8.90 -2.33
CA ALA A 117 -10.34 8.49 -1.13
C ALA A 117 -8.84 8.35 -1.39
N GLU A 118 -8.09 8.34 -0.29
CA GLU A 118 -6.64 8.17 -0.32
C GLU A 118 -6.11 7.81 1.06
N PHE A 119 -5.21 6.81 1.10
CA PHE A 119 -4.36 6.59 2.27
C PHE A 119 -3.22 7.58 2.19
N GLY A 120 -3.51 8.80 2.66
CA GLY A 120 -2.66 9.96 2.41
C GLY A 120 -1.60 10.22 3.45
N SER A 121 -0.33 10.16 3.03
CA SER A 121 0.81 10.40 3.89
C SER A 121 0.97 11.88 4.17
N CYS A 122 0.69 12.26 5.42
CA CYS A 122 0.67 13.65 5.84
C CYS A 122 1.79 13.93 6.85
N HIS A 123 2.38 15.10 6.72
CA HIS A 123 3.40 15.56 7.65
C HIS A 123 3.01 16.91 8.23
N ARG A 124 3.08 17.01 9.55
CA ARG A 124 2.77 18.22 10.28
C ARG A 124 3.90 18.47 11.28
N ASN A 125 4.51 19.65 11.19
CA ASN A 125 5.64 20.03 12.03
C ASN A 125 5.18 20.35 13.47
N GLU A 126 4.86 19.29 14.22
CA GLU A 126 4.38 19.41 15.59
C GLU A 126 5.58 19.57 16.54
N PRO A 127 5.36 20.17 17.73
CA PRO A 127 6.43 20.25 18.72
C PRO A 127 6.95 18.88 19.16
N SER A 128 8.27 18.75 19.29
CA SER A 128 8.89 17.47 19.66
C SER A 128 8.52 17.02 21.07
N GLY A 129 8.42 17.98 22.00
CA GLY A 129 8.01 17.71 23.38
C GLY A 129 6.58 17.22 23.56
N ALA A 130 5.71 17.56 22.60
CA ALA A 130 4.32 17.10 22.59
C ALA A 130 4.12 15.70 21.96
N LEU A 131 5.16 15.17 21.32
CA LEU A 131 5.09 13.83 20.70
C LEU A 131 5.10 12.70 21.73
N HIS A 132 4.38 11.61 21.41
CA HIS A 132 4.23 10.47 22.30
C HIS A 132 3.77 9.23 21.52
N GLY A 133 4.73 8.39 21.16
CA GLY A 133 4.46 7.10 20.52
C GLY A 133 3.69 7.21 19.22
N LEU A 134 2.82 6.22 18.96
CA LEU A 134 1.91 6.23 17.82
C LEU A 134 0.73 7.22 17.93
N MET A 135 0.44 7.71 19.13
CA MET A 135 -0.69 8.62 19.36
C MET A 135 -0.45 10.01 18.78
N ARG A 136 0.63 10.65 19.20
CA ARG A 136 1.00 11.98 18.72
C ARG A 136 2.25 11.89 17.85
N VAL A 137 2.05 12.07 16.55
CA VAL A 137 3.07 11.85 15.52
C VAL A 137 3.12 13.02 14.54
N ARG A 138 4.28 13.19 13.92
CA ARG A 138 4.50 14.19 12.89
C ARG A 138 4.12 13.63 11.52
N GLY A 139 4.59 12.42 11.24
CA GLY A 139 4.29 11.71 10.01
C GLY A 139 3.22 10.66 10.23
N PHE A 140 2.15 10.73 9.46
CA PHE A 140 1.06 9.75 9.57
C PHE A 140 0.31 9.55 8.26
N THR A 141 -0.52 8.52 8.26
CA THR A 141 -1.27 8.11 7.10
C THR A 141 -2.74 8.25 7.46
N GLN A 142 -3.44 9.08 6.71
CA GLN A 142 -4.83 9.38 6.99
C GLN A 142 -5.73 8.50 6.11
N ASP A 143 -6.74 7.86 6.71
CA ASP A 143 -7.80 7.18 5.94
C ASP A 143 -8.77 8.23 5.39
N ASP A 144 -8.25 9.00 4.43
CA ASP A 144 -8.88 10.24 4.00
C ASP A 144 -9.80 10.02 2.79
N ALA A 145 -10.75 10.93 2.66
CA ALA A 145 -11.54 11.04 1.45
C ALA A 145 -12.20 12.41 1.34
N HIS A 146 -12.48 12.79 0.11
CA HIS A 146 -13.20 14.00 -0.21
C HIS A 146 -14.32 13.69 -1.18
N ILE A 147 -15.53 14.09 -0.82
CA ILE A 147 -16.71 13.94 -1.64
C ILE A 147 -17.00 15.29 -2.27
N PHE A 148 -17.03 15.29 -3.60
CA PHE A 148 -17.43 16.45 -4.39
C PHE A 148 -18.90 16.22 -4.78
N CYS A 149 -19.79 17.11 -4.35
CA CYS A 149 -21.23 16.94 -4.58
C CYS A 149 -21.94 18.27 -4.72
N THR A 150 -23.23 18.20 -5.06
CA THR A 150 -24.08 19.39 -5.10
C THR A 150 -24.61 19.70 -3.70
N GLU A 151 -25.20 20.88 -3.56
CA GLU A 151 -25.86 21.28 -2.29
C GLU A 151 -26.98 20.31 -1.90
N GLU A 152 -27.72 19.85 -2.91
CA GLU A 152 -28.88 18.98 -2.73
C GLU A 152 -28.45 17.59 -2.25
N GLN A 153 -27.27 17.17 -2.67
CA GLN A 153 -26.72 15.85 -2.35
C GLN A 153 -26.06 15.71 -0.96
N ILE A 154 -25.88 16.82 -0.24
CA ILE A 154 -25.12 16.84 1.02
C ILE A 154 -25.66 15.85 2.06
N ARG A 155 -26.95 15.94 2.37
CA ARG A 155 -27.59 15.10 3.41
C ARG A 155 -27.35 13.61 3.21
N ASP A 156 -27.62 13.13 2.00
CA ASP A 156 -27.43 11.71 1.66
C ASP A 156 -25.97 11.26 1.78
N GLU A 157 -25.03 12.12 1.40
CA GLU A 157 -23.61 11.82 1.50
C GLU A 157 -23.10 11.84 2.94
N VAL A 158 -23.60 12.78 3.75
CA VAL A 158 -23.30 12.83 5.18
C VAL A 158 -23.89 11.61 5.88
N ASN A 159 -25.12 11.26 5.51
CA ASN A 159 -25.77 10.01 5.96
C ASN A 159 -24.89 8.78 5.70
N ALA A 160 -24.39 8.66 4.47
CA ALA A 160 -23.50 7.55 4.10
C ALA A 160 -22.19 7.55 4.89
N CYS A 161 -21.63 8.74 5.13
CA CYS A 161 -20.43 8.89 5.97
C CYS A 161 -20.65 8.40 7.40
N ILE A 162 -21.77 8.82 8.00
CA ILE A 162 -22.16 8.40 9.35
C ILE A 162 -22.25 6.90 9.48
N ARG A 163 -22.94 6.28 8.53
CA ARG A 163 -23.07 4.83 8.49
C ARG A 163 -21.72 4.14 8.42
N MET A 164 -20.89 4.59 7.49
CA MET A 164 -19.56 4.06 7.31
C MET A 164 -18.75 4.14 8.60
N VAL A 165 -18.89 5.24 9.33
CA VAL A 165 -18.19 5.45 10.61
C VAL A 165 -18.57 4.36 11.62
N TYR A 166 -19.86 4.27 11.93
CA TYR A 166 -20.40 3.27 12.88
C TYR A 166 -20.14 1.83 12.43
N ASP A 167 -20.21 1.60 11.13
CA ASP A 167 -19.94 0.30 10.53
C ASP A 167 -18.50 -0.11 10.82
N MET A 168 -17.56 0.79 10.52
CA MET A 168 -16.14 0.54 10.74
C MET A 168 -15.76 0.40 12.21
N TYR A 169 -16.27 1.27 13.07
CA TYR A 169 -16.01 1.16 14.52
C TYR A 169 -16.53 -0.13 15.14
N SER A 170 -17.67 -0.63 14.65
CA SER A 170 -18.24 -1.89 15.14
C SER A 170 -17.35 -3.10 14.84
N THR A 171 -16.70 -3.11 13.68
CA THR A 171 -15.74 -4.17 13.33
C THR A 171 -14.71 -4.38 14.45
N PHE A 172 -14.21 -3.29 15.03
CA PHE A 172 -13.18 -3.34 16.07
C PHE A 172 -13.71 -3.47 17.52
N GLY A 173 -15.03 -3.51 17.68
CA GLY A 173 -15.67 -3.68 18.99
C GLY A 173 -16.04 -2.38 19.72
N PHE A 174 -16.08 -1.27 18.98
CA PHE A 174 -16.38 0.05 19.54
C PHE A 174 -17.85 0.43 19.27
N GLU A 175 -18.68 0.28 20.30
CA GLU A 175 -20.12 0.61 20.23
C GLU A 175 -20.50 1.94 20.89
N LYS A 176 -19.80 2.32 21.95
CA LYS A 176 -20.02 3.61 22.62
C LYS A 176 -19.34 4.77 21.88
N ILE A 177 -20.15 5.54 21.14
CA ILE A 177 -19.69 6.65 20.30
C ILE A 177 -20.37 7.95 20.73
N VAL A 178 -19.55 8.96 21.03
CA VAL A 178 -20.03 10.31 21.34
C VAL A 178 -19.87 11.17 20.08
N VAL A 179 -20.94 11.87 19.72
CA VAL A 179 -21.01 12.66 18.49
C VAL A 179 -21.20 14.12 18.86
N LYS A 180 -20.38 14.98 18.27
CA LYS A 180 -20.44 16.42 18.50
C LYS A 180 -20.50 17.19 17.19
N LEU A 181 -21.45 18.11 17.10
CA LEU A 181 -21.70 18.92 15.89
C LEU A 181 -21.26 20.35 16.15
N SER A 182 -20.18 20.78 15.48
CA SER A 182 -19.64 22.12 15.66
C SER A 182 -20.35 23.15 14.79
N THR A 183 -20.81 24.23 15.42
CA THR A 183 -21.63 25.26 14.77
C THR A 183 -20.80 26.51 14.39
N ARG A 184 -21.45 27.41 13.66
CA ARG A 184 -20.84 28.63 13.09
C ARG A 184 -19.96 29.46 14.05
N PRO A 185 -18.69 29.71 13.66
CA PRO A 185 -17.83 30.61 14.43
C PRO A 185 -18.10 32.08 14.11
N ASP A 186 -17.54 32.97 14.92
CA ASP A 186 -17.69 34.43 14.73
C ASP A 186 -17.11 34.88 13.39
N LYS A 187 -15.86 34.51 13.11
CA LYS A 187 -15.21 34.76 11.83
C LYS A 187 -15.47 33.60 10.87
N ARG A 188 -16.29 33.85 9.84
CA ARG A 188 -16.73 32.82 8.92
C ARG A 188 -17.07 33.36 7.54
N ILE A 189 -16.99 32.51 6.52
CA ILE A 189 -17.47 32.85 5.17
C ILE A 189 -18.92 32.42 4.92
N GLY A 190 -19.48 32.93 3.83
CA GLY A 190 -20.83 32.58 3.39
C GLY A 190 -21.92 33.28 4.18
N SER A 191 -23.13 33.23 3.64
CA SER A 191 -24.31 33.84 4.26
C SER A 191 -24.79 33.05 5.47
N ASP A 192 -25.60 33.68 6.31
CA ASP A 192 -26.25 33.00 7.44
C ASP A 192 -27.20 31.88 6.99
N GLU A 193 -27.92 32.14 5.90
CA GLU A 193 -28.86 31.15 5.33
C GLU A 193 -28.12 29.89 4.84
N MET A 194 -26.91 30.05 4.33
CA MET A 194 -26.08 28.91 3.95
C MET A 194 -25.70 28.07 5.18
N TRP A 195 -25.32 28.76 6.25
CA TRP A 195 -24.94 28.09 7.52
C TRP A 195 -26.11 27.36 8.18
N ASP A 196 -27.31 27.93 8.07
CA ASP A 196 -28.54 27.27 8.53
C ASP A 196 -28.74 25.92 7.82
N ARG A 197 -28.71 25.95 6.49
CA ARG A 197 -28.86 24.75 5.66
C ARG A 197 -27.78 23.70 5.94
N ALA A 198 -26.53 24.16 6.00
CA ALA A 198 -25.37 23.28 6.21
C ALA A 198 -25.43 22.57 7.57
N GLU A 199 -25.62 23.35 8.64
CA GLU A 199 -25.83 22.80 9.98
C GLU A 199 -27.01 21.85 10.04
N ALA A 200 -28.13 22.25 9.43
CA ALA A 200 -29.34 21.42 9.37
C ALA A 200 -29.12 20.11 8.63
N ASP A 201 -28.37 20.16 7.52
CA ASP A 201 -27.97 18.95 6.78
C ASP A 201 -27.23 17.94 7.67
N LEU A 202 -26.30 18.44 8.49
CA LEU A 202 -25.56 17.60 9.44
C LEU A 202 -26.46 17.01 10.54
N ALA A 203 -27.36 17.83 11.08
CA ALA A 203 -28.26 17.41 12.17
C ALA A 203 -29.32 16.41 11.70
N VAL A 204 -29.94 16.71 10.55
CA VAL A 204 -30.92 15.81 9.95
C VAL A 204 -30.29 14.47 9.61
N ALA A 205 -29.07 14.49 9.05
CA ALA A 205 -28.35 13.26 8.73
C ALA A 205 -28.07 12.39 9.96
N LEU A 206 -27.79 13.04 11.09
CA LEU A 206 -27.66 12.35 12.37
C LEU A 206 -29.00 11.80 12.89
N GLU A 207 -30.05 12.59 12.79
CA GLU A 207 -31.41 12.18 13.19
C GLU A 207 -31.96 11.00 12.39
N GLU A 208 -31.72 11.03 11.09
CA GLU A 208 -32.10 9.94 10.19
C GLU A 208 -31.44 8.59 10.52
N ASN A 209 -30.25 8.65 11.13
CA ASN A 209 -29.56 7.49 11.63
C ASN A 209 -29.84 7.20 13.12
N ASN A 210 -30.80 7.92 13.70
CA ASN A 210 -31.11 7.83 15.13
C ASN A 210 -29.91 7.96 16.06
N ILE A 211 -29.05 8.94 15.78
CA ILE A 211 -27.86 9.20 16.57
C ILE A 211 -28.09 10.41 17.47
N PRO A 212 -28.09 10.21 18.80
CA PRO A 212 -28.07 11.39 19.67
C PRO A 212 -26.72 12.08 19.60
N PHE A 213 -26.73 13.40 19.65
CA PHE A 213 -25.50 14.19 19.67
C PHE A 213 -25.66 15.43 20.55
N GLU A 214 -24.56 16.18 20.66
CA GLU A 214 -24.51 17.47 21.35
C GLU A 214 -23.78 18.47 20.46
N TYR A 215 -23.96 19.75 20.73
CA TYR A 215 -23.27 20.79 19.99
C TYR A 215 -21.91 21.11 20.56
N GLN A 216 -21.06 21.66 19.70
CA GLN A 216 -19.83 22.33 20.08
C GLN A 216 -19.92 23.74 19.49
N LEU A 217 -20.47 24.65 20.28
CA LEU A 217 -20.94 25.94 19.78
C LEU A 217 -19.81 26.89 19.39
N GLY A 218 -19.88 27.41 18.17
CA GLY A 218 -18.83 28.28 17.61
C GLY A 218 -17.49 27.62 17.35
N GLU A 219 -17.45 26.30 17.31
CA GLU A 219 -16.21 25.53 17.16
C GLU A 219 -15.93 25.10 15.71
N GLY A 220 -16.87 25.38 14.82
CA GLY A 220 -16.74 25.05 13.40
C GLY A 220 -15.71 25.93 12.72
N ALA A 221 -15.22 25.48 11.58
CA ALA A 221 -14.22 26.22 10.80
C ALA A 221 -14.89 27.38 10.07
N PHE A 222 -14.08 28.30 9.57
CA PHE A 222 -14.60 29.44 8.82
C PHE A 222 -15.32 29.02 7.54
N TYR A 223 -14.94 27.88 7.00
CA TYR A 223 -15.46 27.37 5.70
C TYR A 223 -16.65 26.39 5.80
N GLY A 224 -17.00 25.95 7.01
CA GLY A 224 -18.23 25.19 7.24
C GLY A 224 -18.28 24.43 8.56
N PRO A 225 -19.46 23.89 8.91
CA PRO A 225 -19.62 23.12 10.13
C PRO A 225 -19.12 21.68 9.96
N LYS A 226 -18.96 20.99 11.09
CA LYS A 226 -18.49 19.62 11.11
C LYS A 226 -19.17 18.74 12.16
N ILE A 227 -19.08 17.43 11.94
CA ILE A 227 -19.39 16.41 12.93
C ILE A 227 -18.08 15.71 13.28
N GLU A 228 -17.84 15.54 14.58
CA GLU A 228 -16.71 14.75 15.10
C GLU A 228 -17.23 13.56 15.90
N PHE A 229 -16.57 12.42 15.72
CA PHE A 229 -16.97 11.15 16.34
C PHE A 229 -15.89 10.71 17.32
N THR A 230 -16.29 10.55 18.58
CA THR A 230 -15.40 10.13 19.66
C THR A 230 -15.79 8.72 20.11
N LEU A 231 -14.92 7.75 19.84
CA LEU A 231 -15.14 6.37 20.27
C LEU A 231 -14.60 6.16 21.68
N TYR A 232 -15.10 5.12 22.35
CA TYR A 232 -14.66 4.76 23.70
C TYR A 232 -14.14 3.32 23.74
N ASP A 233 -12.90 3.16 24.22
CA ASP A 233 -12.29 1.83 24.37
C ASP A 233 -12.86 1.06 25.57
N CYS A 234 -12.37 -0.15 25.80
CA CYS A 234 -12.86 -1.02 26.88
C CYS A 234 -12.50 -0.52 28.29
N LEU A 235 -11.54 0.39 28.41
CA LEU A 235 -11.25 1.12 29.65
C LEU A 235 -12.07 2.41 29.84
N ASP A 236 -13.06 2.63 28.96
CA ASP A 236 -13.90 3.83 28.96
C ASP A 236 -13.12 5.15 28.72
N ARG A 237 -12.04 5.07 27.95
CA ARG A 237 -11.25 6.25 27.58
C ARG A 237 -11.67 6.79 26.21
N ALA A 238 -11.77 8.12 26.12
CA ALA A 238 -12.28 8.80 24.92
C ALA A 238 -11.17 9.05 23.87
N TRP A 239 -11.46 8.64 22.63
CA TRP A 239 -10.57 8.89 21.48
C TRP A 239 -11.37 9.52 20.34
N GLN A 240 -11.11 10.80 20.06
CA GLN A 240 -11.71 11.46 18.89
C GLN A 240 -10.97 11.01 17.62
N CYS A 241 -11.67 10.26 16.77
CA CYS A 241 -11.09 9.69 15.56
C CYS A 241 -11.77 10.17 14.27
N GLY A 242 -13.09 10.06 14.25
CA GLY A 242 -13.87 10.38 13.06
C GLY A 242 -14.17 11.86 12.88
N THR A 243 -14.23 12.28 11.62
CA THR A 243 -14.58 13.67 11.29
C THR A 243 -15.33 13.72 9.95
N VAL A 244 -16.37 14.53 9.90
CA VAL A 244 -17.07 14.87 8.65
C VAL A 244 -17.18 16.38 8.63
N GLN A 245 -16.48 17.01 7.68
CA GLN A 245 -16.34 18.46 7.60
C GLN A 245 -16.83 18.97 6.25
N LEU A 246 -17.83 19.84 6.28
CA LEU A 246 -18.34 20.52 5.11
C LEU A 246 -17.46 21.73 4.80
N ASP A 247 -17.31 22.02 3.50
CA ASP A 247 -16.37 23.03 3.01
C ASP A 247 -16.95 23.73 1.79
N PHE A 248 -17.34 25.00 1.99
CA PHE A 248 -17.84 25.87 0.92
C PHE A 248 -16.79 26.88 0.45
N SER A 249 -15.52 26.61 0.74
CA SER A 249 -14.41 27.52 0.45
C SER A 249 -13.41 26.96 -0.56
N LEU A 250 -12.81 25.82 -0.22
CA LEU A 250 -11.65 25.28 -0.93
C LEU A 250 -11.84 25.03 -2.42
N PRO A 251 -13.00 24.45 -2.83
CA PRO A 251 -13.24 24.23 -4.27
C PRO A 251 -13.17 25.52 -5.10
N SER A 252 -13.85 26.56 -4.62
CA SER A 252 -13.80 27.88 -5.25
C SER A 252 -12.38 28.47 -5.26
N ARG A 253 -11.68 28.36 -4.13
CA ARG A 253 -10.29 28.84 -4.01
C ARG A 253 -9.33 28.18 -5.00
N LEU A 254 -9.58 26.90 -5.31
CA LEU A 254 -8.74 26.13 -6.23
C LEU A 254 -9.38 25.90 -7.62
N SER A 255 -10.36 26.72 -7.98
CA SER A 255 -10.97 26.77 -9.33
C SER A 255 -11.69 25.47 -9.75
N ALA A 256 -12.32 24.84 -8.78
CA ALA A 256 -13.09 23.63 -9.02
C ALA A 256 -14.50 23.98 -9.46
N SER A 257 -14.95 23.34 -10.53
CA SER A 257 -16.30 23.54 -11.05
C SER A 257 -16.77 22.34 -11.86
N TYR A 258 -18.06 22.37 -12.18
CA TYR A 258 -18.71 21.37 -13.03
C TYR A 258 -19.88 21.98 -13.81
N VAL A 259 -20.26 21.33 -14.91
CA VAL A 259 -21.39 21.73 -15.73
C VAL A 259 -22.68 21.18 -15.12
N GLY A 260 -23.55 22.08 -14.64
CA GLY A 260 -24.84 21.69 -14.08
C GLY A 260 -25.82 21.14 -15.10
N GLU A 261 -26.95 20.62 -14.61
CA GLU A 261 -28.05 20.11 -15.46
C GLU A 261 -28.63 21.19 -16.38
N ASP A 262 -28.67 22.44 -15.89
CA ASP A 262 -29.10 23.61 -16.69
C ASP A 262 -28.01 24.19 -17.64
N ASN A 263 -26.89 23.48 -17.77
CA ASN A 263 -25.77 23.85 -18.65
C ASN A 263 -24.94 25.06 -18.16
N GLU A 264 -25.06 25.38 -16.87
CA GLU A 264 -24.33 26.49 -16.26
C GLU A 264 -23.19 25.98 -15.37
N ARG A 265 -22.09 26.74 -15.35
CA ARG A 265 -20.92 26.44 -14.52
C ARG A 265 -21.30 26.64 -13.05
N LYS A 266 -20.91 25.67 -12.21
CA LYS A 266 -21.24 25.66 -10.79
C LYS A 266 -20.07 25.09 -9.98
N VAL A 267 -19.88 25.62 -8.78
CA VAL A 267 -18.83 25.18 -7.87
C VAL A 267 -19.40 24.04 -7.00
N PRO A 268 -18.69 22.89 -6.94
CA PRO A 268 -19.16 21.81 -6.06
C PRO A 268 -18.91 22.08 -4.59
N VAL A 269 -19.74 21.50 -3.74
CA VAL A 269 -19.50 21.49 -2.30
C VAL A 269 -18.50 20.36 -2.04
N MET A 270 -17.64 20.55 -1.05
CA MET A 270 -16.69 19.53 -0.64
C MET A 270 -17.00 19.03 0.77
N ILE A 271 -16.99 17.71 0.93
CA ILE A 271 -17.08 17.07 2.24
C ILE A 271 -15.74 16.38 2.48
N HIS A 272 -15.07 16.79 3.56
CA HIS A 272 -13.87 16.15 4.06
C HIS A 272 -14.32 15.07 5.03
N ARG A 273 -13.76 13.87 4.94
CA ARG A 273 -14.00 12.89 6.01
C ARG A 273 -12.89 11.89 6.19
N ALA A 274 -12.64 11.58 7.46
CA ALA A 274 -11.77 10.49 7.87
C ALA A 274 -12.44 9.81 9.05
N ILE A 275 -12.31 8.50 9.11
CA ILE A 275 -13.05 7.68 10.06
C ILE A 275 -12.14 7.18 11.18
N LEU A 276 -11.07 6.50 10.80
CA LEU A 276 -10.04 6.10 11.76
C LEU A 276 -9.19 7.29 12.21
N GLY A 277 -9.02 8.28 11.32
CA GLY A 277 -8.15 9.44 11.57
C GLY A 277 -6.73 9.17 11.09
N SER A 278 -5.85 8.84 12.02
CA SER A 278 -4.49 8.43 11.70
C SER A 278 -4.48 6.90 11.76
N MET A 279 -3.95 6.24 10.73
CA MET A 279 -3.86 4.76 10.75
C MET A 279 -2.93 4.33 11.90
N GLU A 280 -1.88 5.12 12.10
CA GLU A 280 -0.87 4.89 13.13
C GLU A 280 -1.49 5.01 14.52
N ARG A 281 -2.17 6.12 14.76
CA ARG A 281 -2.87 6.34 16.03
C ARG A 281 -3.92 5.28 16.29
N PHE A 282 -4.64 4.85 15.24
CA PHE A 282 -5.68 3.85 15.38
C PHE A 282 -5.10 2.49 15.79
N ILE A 283 -4.01 2.10 15.15
CA ILE A 283 -3.30 0.86 15.50
C ILE A 283 -2.84 0.92 16.97
N GLY A 284 -2.27 2.06 17.37
CA GLY A 284 -1.95 2.32 18.77
C GLY A 284 -3.14 2.08 19.70
N ILE A 285 -4.30 2.64 19.34
CA ILE A 285 -5.52 2.47 20.13
C ILE A 285 -5.94 1.00 20.18
N LEU A 286 -5.97 0.35 19.01
CA LEU A 286 -6.27 -1.08 18.91
C LEU A 286 -5.35 -1.96 19.75
N THR A 287 -4.05 -1.65 19.75
CA THR A 287 -3.05 -2.40 20.51
C THR A 287 -3.39 -2.42 22.00
N GLU A 288 -3.75 -1.26 22.53
CA GLU A 288 -4.16 -1.11 23.94
C GLU A 288 -5.55 -1.70 24.20
N GLU A 289 -6.48 -1.50 23.27
CA GLU A 289 -7.83 -2.05 23.36
C GLU A 289 -7.81 -3.58 23.52
N PHE A 290 -7.02 -4.22 22.67
CA PHE A 290 -6.91 -5.68 22.65
C PHE A 290 -5.80 -6.22 23.55
N ALA A 291 -4.97 -5.33 24.10
CA ALA A 291 -3.78 -5.68 24.89
C ALA A 291 -2.81 -6.59 24.12
N GLY A 292 -2.67 -6.33 22.81
CA GLY A 292 -1.84 -7.15 21.93
C GLY A 292 -2.50 -8.40 21.36
N PHE A 293 -3.68 -8.76 21.84
CA PHE A 293 -4.43 -9.93 21.38
C PHE A 293 -5.26 -9.48 20.18
N PHE A 294 -4.57 -9.20 19.08
CA PHE A 294 -5.24 -8.70 17.88
C PHE A 294 -6.19 -9.76 17.34
N PRO A 295 -7.39 -9.36 16.90
CA PRO A 295 -8.28 -10.35 16.26
C PRO A 295 -7.56 -11.08 15.13
N THR A 296 -7.90 -12.35 14.96
CA THR A 296 -7.20 -13.24 14.03
C THR A 296 -6.92 -12.61 12.66
N TRP A 297 -7.87 -11.85 12.11
CA TRP A 297 -7.70 -11.23 10.78
C TRP A 297 -6.56 -10.21 10.70
N LEU A 298 -6.25 -9.59 11.84
CA LEU A 298 -5.18 -8.60 11.97
C LEU A 298 -3.88 -9.14 12.54
N ALA A 299 -3.90 -10.33 13.13
CA ALA A 299 -2.76 -10.86 13.86
C ALA A 299 -1.58 -11.06 12.90
N PRO A 300 -0.36 -10.63 13.29
CA PRO A 300 0.80 -10.79 12.40
C PRO A 300 1.04 -12.23 11.98
N VAL A 301 1.04 -13.12 12.97
CA VAL A 301 1.05 -14.57 12.78
C VAL A 301 -0.28 -15.10 13.32
N GLN A 302 -1.07 -15.72 12.45
CA GLN A 302 -2.40 -16.19 12.81
C GLN A 302 -2.38 -17.59 13.44
N VAL A 303 -1.55 -18.48 12.89
CA VAL A 303 -1.45 -19.88 13.33
C VAL A 303 0.01 -20.33 13.40
N VAL A 304 0.36 -21.01 14.48
CA VAL A 304 1.60 -21.78 14.53
C VAL A 304 1.23 -23.26 14.59
N VAL A 305 1.76 -24.05 13.66
CA VAL A 305 1.59 -25.50 13.64
C VAL A 305 2.83 -26.09 14.29
N MET A 306 2.62 -27.01 15.22
CA MET A 306 3.71 -27.57 16.05
C MET A 306 3.53 -29.07 16.35
N ASN A 307 4.68 -29.77 16.42
CA ASN A 307 4.73 -31.20 16.73
C ASN A 307 5.17 -31.47 18.16
N ILE A 308 4.61 -32.51 18.77
CA ILE A 308 4.99 -32.92 20.14
C ILE A 308 6.38 -33.57 20.15
N THR A 309 6.64 -34.45 19.19
CA THR A 309 7.94 -35.08 19.03
C THR A 309 8.36 -35.05 17.56
N ASP A 310 9.54 -35.58 17.26
CA ASP A 310 10.06 -35.68 15.91
C ASP A 310 9.13 -36.44 14.95
N SER A 311 8.41 -37.43 15.48
CA SER A 311 7.50 -38.28 14.71
C SER A 311 6.50 -37.55 13.78
N GLN A 312 6.00 -36.39 14.21
CA GLN A 312 4.96 -35.64 13.48
C GLN A 312 5.48 -34.51 12.58
N SER A 313 6.78 -34.47 12.30
CA SER A 313 7.37 -33.34 11.57
C SER A 313 6.81 -33.18 10.14
N GLU A 314 6.68 -34.29 9.43
CA GLU A 314 6.14 -34.27 8.06
C GLU A 314 4.65 -33.93 8.01
N TYR A 315 3.90 -34.42 8.99
CA TYR A 315 2.50 -34.02 9.15
C TYR A 315 2.37 -32.52 9.36
N VAL A 316 3.23 -31.96 10.22
CA VAL A 316 3.30 -30.51 10.44
C VAL A 316 3.59 -29.75 9.14
N ASN A 317 4.53 -30.25 8.34
CA ASN A 317 4.88 -29.63 7.05
C ASN A 317 3.73 -29.62 6.04
N GLU A 318 2.99 -30.72 5.99
CA GLU A 318 1.85 -30.81 5.09
C GLU A 318 0.72 -29.87 5.53
N LEU A 319 0.42 -29.87 6.83
CA LEU A 319 -0.62 -29.04 7.40
C LEU A 319 -0.27 -27.55 7.30
N THR A 320 1.01 -27.22 7.50
CA THR A 320 1.52 -25.87 7.33
C THR A 320 1.32 -25.40 5.89
N GLN A 321 1.61 -26.26 4.92
CA GLN A 321 1.43 -25.96 3.49
C GLN A 321 -0.05 -25.77 3.14
N LYS A 322 -0.92 -26.61 3.72
CA LYS A 322 -2.37 -26.48 3.54
C LYS A 322 -2.91 -25.13 4.02
N LEU A 323 -2.47 -24.73 5.21
CA LEU A 323 -2.80 -23.41 5.75
C LEU A 323 -2.22 -22.29 4.90
N GLN A 324 -1.00 -22.48 4.40
CA GLN A 324 -0.36 -21.52 3.48
C GLN A 324 -1.22 -21.35 2.22
N ASN A 325 -1.58 -22.46 1.59
CA ASN A 325 -2.49 -22.47 0.44
C ASN A 325 -3.88 -21.88 0.73
N ALA A 326 -4.37 -22.07 1.95
CA ALA A 326 -5.64 -21.50 2.39
C ALA A 326 -5.60 -19.98 2.66
N GLY A 327 -4.44 -19.35 2.50
CA GLY A 327 -4.28 -17.91 2.62
C GLY A 327 -3.97 -17.42 4.04
N ILE A 328 -3.72 -18.35 4.94
CA ILE A 328 -3.52 -18.05 6.35
C ILE A 328 -2.05 -17.74 6.61
N ARG A 329 -1.79 -16.73 7.44
CA ARG A 329 -0.44 -16.40 7.86
C ARG A 329 -0.03 -17.42 8.92
N VAL A 330 0.84 -18.34 8.50
CA VAL A 330 1.15 -19.53 9.27
C VAL A 330 2.66 -19.74 9.35
N LYS A 331 3.09 -20.30 10.48
CA LYS A 331 4.49 -20.69 10.69
C LYS A 331 4.52 -22.09 11.29
N ALA A 332 5.54 -22.86 10.92
CA ALA A 332 5.79 -24.15 11.52
C ALA A 332 6.80 -23.96 12.65
N ASP A 333 6.50 -24.54 13.82
CA ASP A 333 7.45 -24.62 14.93
C ASP A 333 7.93 -26.07 15.09
N LEU A 334 9.02 -26.39 14.41
CA LEU A 334 9.62 -27.74 14.41
C LEU A 334 10.89 -27.83 15.27
N ARG A 335 11.06 -26.89 16.20
CA ARG A 335 12.27 -26.81 17.00
C ARG A 335 12.31 -27.96 17.99
N ASN A 336 13.52 -28.38 18.36
CA ASN A 336 13.70 -29.44 19.35
C ASN A 336 13.44 -28.88 20.75
N GLU A 337 12.15 -28.71 21.05
CA GLU A 337 11.67 -28.13 22.31
C GLU A 337 10.39 -28.84 22.72
N LYS A 338 10.13 -28.84 24.03
CA LYS A 338 8.93 -29.43 24.59
C LYS A 338 7.69 -28.69 24.11
N ILE A 339 6.55 -29.39 24.06
CA ILE A 339 5.29 -28.80 23.58
C ILE A 339 4.79 -27.64 24.46
N GLY A 340 5.02 -27.74 25.76
CA GLY A 340 4.72 -26.65 26.70
C GLY A 340 5.55 -25.39 26.46
N PHE A 341 6.81 -25.56 26.11
CA PHE A 341 7.71 -24.45 25.78
C PHE A 341 7.23 -23.71 24.51
N LYS A 342 6.84 -24.47 23.49
CA LYS A 342 6.31 -23.92 22.25
C LYS A 342 5.02 -23.14 22.48
N ILE A 343 4.08 -23.76 23.20
CA ILE A 343 2.79 -23.15 23.53
C ILE A 343 2.94 -21.84 24.32
N ARG A 344 3.79 -21.86 25.36
CA ARG A 344 4.05 -20.65 26.16
C ARG A 344 4.62 -19.50 25.33
N GLU A 345 5.58 -19.80 24.46
CA GLU A 345 6.22 -18.76 23.64
C GLU A 345 5.21 -18.08 22.71
N HIS A 346 4.50 -18.88 21.92
CA HIS A 346 3.53 -18.35 20.97
C HIS A 346 2.26 -17.78 21.63
N THR A 347 1.95 -18.21 22.87
CA THR A 347 0.93 -17.57 23.70
C THR A 347 1.39 -16.14 24.07
N LEU A 348 2.64 -16.00 24.49
CA LEU A 348 3.21 -14.70 24.82
C LEU A 348 3.32 -13.76 23.59
N ARG A 349 3.60 -14.34 22.43
CA ARG A 349 3.59 -13.59 21.15
C ARG A 349 2.18 -13.29 20.62
N ARG A 350 1.13 -13.77 21.31
CA ARG A 350 -0.28 -13.47 20.99
C ARG A 350 -0.72 -14.07 19.65
N VAL A 351 -0.27 -15.31 19.37
CA VAL A 351 -0.69 -16.05 18.19
C VAL A 351 -2.09 -16.61 18.48
N PRO A 352 -3.11 -16.25 17.67
CA PRO A 352 -4.47 -16.71 17.94
C PRO A 352 -4.58 -18.20 18.22
N TYR A 353 -4.02 -19.01 17.33
CA TYR A 353 -4.17 -20.46 17.38
C TYR A 353 -2.84 -21.18 17.30
N MET A 354 -2.72 -22.22 18.10
CA MET A 354 -1.60 -23.13 18.08
C MET A 354 -2.16 -24.51 17.78
N LEU A 355 -1.76 -25.04 16.63
CA LEU A 355 -2.24 -26.31 16.11
C LEU A 355 -1.23 -27.40 16.45
N VAL A 356 -1.58 -28.20 17.45
CA VAL A 356 -0.67 -29.21 18.04
C VAL A 356 -0.91 -30.56 17.38
N CYS A 357 0.18 -31.23 17.01
CA CYS A 357 0.13 -32.51 16.32
C CYS A 357 0.89 -33.60 17.10
N GLY A 358 0.14 -34.45 17.79
CA GLY A 358 0.65 -35.70 18.39
C GLY A 358 0.33 -36.88 17.49
N ASP A 359 0.73 -38.07 17.92
CA ASP A 359 0.49 -39.32 17.18
C ASP A 359 -0.98 -39.52 16.83
N LYS A 360 -1.84 -39.39 17.84
CA LYS A 360 -3.28 -39.59 17.65
C LYS A 360 -3.93 -38.53 16.72
N GLU A 361 -3.32 -37.36 16.62
CA GLU A 361 -3.77 -36.36 15.65
C GLU A 361 -3.41 -36.77 14.22
N VAL A 362 -2.18 -37.22 14.02
CA VAL A 362 -1.68 -37.66 12.70
C VAL A 362 -2.47 -38.88 12.20
N GLU A 363 -2.65 -39.84 13.09
CA GLU A 363 -3.36 -41.08 12.79
C GLU A 363 -4.81 -40.89 12.36
N ALA A 364 -5.49 -39.92 12.98
CA ALA A 364 -6.91 -39.62 12.70
C ALA A 364 -7.14 -38.58 11.58
N GLY A 365 -6.06 -37.99 11.07
CA GLY A 365 -6.16 -36.88 10.12
C GLY A 365 -6.72 -35.62 10.75
N LYS A 366 -6.37 -35.40 12.02
CA LYS A 366 -6.92 -34.32 12.84
C LYS A 366 -5.82 -33.42 13.37
N VAL A 367 -6.22 -32.36 14.07
CA VAL A 367 -5.29 -31.48 14.76
C VAL A 367 -5.88 -30.96 16.08
N ALA A 368 -5.04 -30.84 17.11
CA ALA A 368 -5.45 -30.36 18.42
C ALA A 368 -5.27 -28.84 18.46
N VAL A 369 -6.37 -28.12 18.62
CA VAL A 369 -6.38 -26.66 18.50
C VAL A 369 -6.38 -26.05 19.89
N ARG A 370 -5.34 -25.29 20.18
CA ARG A 370 -5.28 -24.46 21.38
C ARG A 370 -5.27 -22.99 21.00
N THR A 371 -5.90 -22.16 21.84
CA THR A 371 -5.91 -20.71 21.66
C THR A 371 -4.89 -20.03 22.60
N ARG A 372 -4.49 -18.82 22.23
CA ARG A 372 -3.66 -17.95 23.09
C ARG A 372 -4.31 -17.53 24.43
N ARG A 373 -5.62 -17.73 24.57
CA ARG A 373 -6.31 -17.59 25.86
C ARG A 373 -6.19 -18.83 26.76
N GLY A 374 -5.44 -19.84 26.32
CA GLY A 374 -5.23 -21.08 27.07
C GLY A 374 -6.32 -22.14 26.94
N LYS A 375 -7.24 -21.94 25.99
CA LYS A 375 -8.38 -22.83 25.82
C LYS A 375 -8.02 -24.01 24.92
N ASP A 376 -8.41 -25.22 25.35
CA ASP A 376 -8.27 -26.43 24.55
C ASP A 376 -9.61 -26.74 23.88
N LEU A 377 -9.65 -26.56 22.56
CA LEU A 377 -10.87 -26.80 21.77
C LEU A 377 -11.00 -28.24 21.28
N GLY A 378 -9.98 -29.05 21.54
CA GLY A 378 -10.00 -30.46 21.21
C GLY A 378 -9.36 -30.79 19.87
N SER A 379 -9.43 -32.07 19.54
CA SER A 379 -8.93 -32.63 18.29
C SER A 379 -10.00 -32.48 17.22
N LEU A 380 -9.68 -31.77 16.14
CA LEU A 380 -10.64 -31.44 15.10
C LEU A 380 -10.10 -31.82 13.72
N ASP A 381 -11.01 -32.17 12.82
CA ASP A 381 -10.66 -32.51 11.44
C ASP A 381 -9.97 -31.34 10.75
N VAL A 382 -8.88 -31.64 10.02
CA VAL A 382 -8.02 -30.63 9.39
C VAL A 382 -8.79 -29.68 8.45
N ASN A 383 -9.51 -30.26 7.49
CA ASN A 383 -10.30 -29.49 6.53
C ASN A 383 -11.36 -28.61 7.18
N ASP A 384 -11.96 -29.14 8.24
CA ASP A 384 -12.98 -28.43 9.00
C ASP A 384 -12.39 -27.22 9.75
N VAL A 385 -11.24 -27.40 10.39
CA VAL A 385 -10.54 -26.31 11.08
C VAL A 385 -10.14 -25.19 10.11
N ILE A 386 -9.61 -25.56 8.95
CA ILE A 386 -9.19 -24.60 7.92
C ILE A 386 -10.35 -23.74 7.42
N GLU A 387 -11.50 -24.35 7.17
CA GLU A 387 -12.69 -23.64 6.70
C GLU A 387 -13.28 -22.70 7.76
N LYS A 388 -13.18 -23.10 9.03
CA LYS A 388 -13.60 -22.26 10.16
C LYS A 388 -12.64 -21.08 10.38
N LEU A 389 -11.33 -21.33 10.29
CA LEU A 389 -10.33 -20.27 10.35
C LEU A 389 -10.53 -19.23 9.25
N GLN A 390 -10.76 -19.72 8.02
CA GLN A 390 -11.03 -18.86 6.86
C GLN A 390 -12.27 -17.99 7.06
N GLN A 391 -13.31 -18.58 7.63
CA GLN A 391 -14.56 -17.87 7.91
C GLN A 391 -14.39 -16.81 9.00
N GLU A 392 -13.57 -17.10 10.00
CA GLU A 392 -13.23 -16.14 11.05
C GLU A 392 -12.44 -14.96 10.49
N ILE A 393 -11.53 -15.24 9.56
CA ILE A 393 -10.72 -14.21 8.90
C ILE A 393 -11.57 -13.36 7.94
N ARG A 394 -12.31 -14.02 7.04
CA ARG A 394 -13.17 -13.33 6.05
C ARG A 394 -14.21 -12.38 6.66
N SER A 395 -14.86 -12.81 7.73
CA SER A 395 -15.84 -12.00 8.47
C SER A 395 -15.23 -11.02 9.49
N ARG A 396 -13.90 -11.02 9.63
CA ARG A 396 -13.17 -10.14 10.55
C ARG A 396 -13.74 -10.18 11.97
N SER A 397 -13.96 -11.40 12.45
CA SER A 397 -14.59 -11.64 13.74
C SER A 397 -13.68 -11.26 14.91
N LEU A 398 -14.26 -10.60 15.90
CA LEU A 398 -13.58 -10.31 17.15
C LEU A 398 -13.37 -11.55 18.02
N GLN A 399 -14.17 -12.59 17.78
CA GLN A 399 -14.16 -13.82 18.60
C GLN A 399 -13.41 -14.95 17.93
N GLN A 400 -12.79 -15.77 18.77
CA GLN A 400 -12.16 -17.01 18.34
C GLN A 400 -13.17 -18.14 18.33
N LEU A 401 -12.74 -19.27 17.77
CA LEU A 401 -13.56 -20.47 17.70
C LEU A 401 -13.87 -21.04 19.09
N GLU A 402 -14.97 -21.79 19.12
CA GLU A 402 -15.49 -22.39 20.34
C GLU A 402 -15.18 -23.89 20.33
N GLU A 403 -15.43 -24.51 21.48
CA GLU A 403 -15.50 -25.98 21.66
C GLU A 403 -15.32 -26.33 23.14
N GLY B 2 2.00 4.97 -32.28
CA GLY B 2 1.50 5.66 -31.06
C GLY B 2 1.47 4.74 -29.85
N ARG B 3 2.53 4.78 -29.06
CA ARG B 3 2.52 4.11 -27.74
C ARG B 3 3.03 5.01 -26.60
N ASP B 4 2.81 6.31 -26.71
CA ASP B 4 3.24 7.26 -25.69
C ASP B 4 2.47 7.06 -24.37
N HIS B 5 3.20 6.74 -23.31
CA HIS B 5 2.61 6.59 -21.96
C HIS B 5 1.91 7.86 -21.45
N ARG B 6 2.37 9.02 -21.89
CA ARG B 6 1.71 10.30 -21.59
C ARG B 6 0.30 10.35 -22.21
N LYS B 7 0.23 9.98 -23.48
CA LYS B 7 -1.01 9.98 -24.25
C LYS B 7 -1.98 8.94 -23.72
N ILE B 8 -1.47 7.72 -23.53
CA ILE B 8 -2.26 6.61 -23.02
C ILE B 8 -2.71 6.89 -21.58
N GLY B 9 -1.85 7.53 -20.79
CA GLY B 9 -2.19 7.96 -19.43
C GLY B 9 -3.35 8.94 -19.36
N LYS B 10 -3.43 9.86 -20.33
CA LYS B 10 -4.56 10.79 -20.42
C LYS B 10 -5.84 10.08 -20.91
N GLN B 11 -5.70 9.30 -21.98
CA GLN B 11 -6.83 8.60 -22.60
C GLN B 11 -7.55 7.63 -21.66
N LEU B 12 -6.77 6.82 -20.94
CA LEU B 12 -7.32 5.85 -19.99
C LEU B 12 -7.41 6.39 -18.55
N ASP B 13 -7.19 7.70 -18.38
CA ASP B 13 -7.40 8.39 -17.10
C ASP B 13 -6.59 7.71 -15.98
N LEU B 14 -5.32 7.45 -16.26
CA LEU B 14 -4.43 6.75 -15.32
C LEU B 14 -3.75 7.69 -14.33
N TYR B 15 -3.22 8.79 -14.86
CA TYR B 15 -2.48 9.76 -14.05
C TYR B 15 -2.36 11.08 -14.79
N HIS B 16 -1.93 12.11 -14.04
CA HIS B 16 -1.41 13.32 -14.66
C HIS B 16 -0.29 13.91 -13.82
N MET B 17 0.40 14.87 -14.43
CA MET B 17 1.42 15.66 -13.78
C MET B 17 1.17 17.13 -14.06
N GLN B 18 1.79 17.96 -13.23
CA GLN B 18 1.43 19.35 -13.06
C GLN B 18 2.66 20.16 -12.68
N GLU B 19 2.73 21.41 -13.13
CA GLU B 19 3.88 22.29 -12.81
C GLU B 19 4.05 22.62 -11.33
N GLU B 20 2.97 22.57 -10.57
CA GLU B 20 3.02 22.80 -9.11
C GLU B 20 3.77 21.68 -8.35
N ALA B 21 3.89 20.51 -8.96
CA ALA B 21 4.63 19.38 -8.40
C ALA B 21 5.48 18.70 -9.50
N PRO B 22 6.60 19.32 -9.90
CA PRO B 22 7.41 18.76 -10.99
C PRO B 22 7.93 17.36 -10.71
N GLY B 23 7.73 16.45 -11.67
CA GLY B 23 8.24 15.10 -11.55
C GLY B 23 7.60 14.24 -10.47
N MET B 24 6.39 14.58 -10.06
CA MET B 24 5.68 13.82 -9.04
C MET B 24 4.26 13.54 -9.51
N VAL B 25 3.88 12.27 -9.45
CA VAL B 25 2.70 11.78 -10.16
C VAL B 25 1.43 11.92 -9.31
N PHE B 26 0.37 12.39 -9.95
CA PHE B 26 -0.98 12.28 -9.41
C PHE B 26 -1.59 11.02 -10.02
N TRP B 27 -1.68 9.95 -9.24
CA TRP B 27 -2.28 8.70 -9.70
C TRP B 27 -3.80 8.76 -9.54
N HIS B 28 -4.51 8.66 -10.66
CA HIS B 28 -5.97 8.62 -10.69
C HIS B 28 -6.42 7.20 -10.39
N ASN B 29 -7.73 7.03 -10.19
CA ASN B 29 -8.31 5.72 -9.82
C ASN B 29 -7.74 4.54 -10.60
N ASP B 30 -7.85 4.61 -11.91
CA ASP B 30 -7.47 3.49 -12.78
C ASP B 30 -5.96 3.23 -12.82
N GLY B 31 -5.18 4.30 -12.78
CA GLY B 31 -3.72 4.18 -12.70
C GLY B 31 -3.26 3.63 -11.36
N TRP B 32 -3.87 4.11 -10.28
CA TRP B 32 -3.57 3.61 -8.93
C TRP B 32 -3.92 2.12 -8.78
N THR B 33 -4.95 1.68 -9.50
CA THR B 33 -5.31 0.26 -9.54
C THR B 33 -4.22 -0.58 -10.20
N ILE B 34 -3.62 -0.08 -11.28
CA ILE B 34 -2.49 -0.77 -11.92
C ILE B 34 -1.32 -0.88 -10.93
N PHE B 35 -0.98 0.26 -10.33
CA PHE B 35 0.08 0.37 -9.32
C PHE B 35 -0.10 -0.66 -8.19
N ARG B 36 -1.31 -0.71 -7.64
CA ARG B 36 -1.59 -1.64 -6.53
C ARG B 36 -1.51 -3.11 -6.93
N GLU B 37 -1.90 -3.42 -8.17
CA GLU B 37 -1.76 -4.78 -8.68
C GLU B 37 -0.31 -5.17 -8.87
N LEU B 38 0.48 -4.26 -9.40
CA LEU B 38 1.93 -4.44 -9.51
C LEU B 38 2.55 -4.67 -8.13
N GLU B 39 2.05 -3.93 -7.14
CA GLU B 39 2.50 -4.08 -5.75
C GLU B 39 2.16 -5.47 -5.20
N VAL B 40 0.93 -5.92 -5.42
CA VAL B 40 0.48 -7.27 -5.06
C VAL B 40 1.32 -8.36 -5.73
N PHE B 41 1.73 -8.11 -6.98
CA PHE B 41 2.59 -9.06 -7.70
C PHE B 41 3.95 -9.16 -7.05
N VAL B 42 4.55 -8.01 -6.75
CA VAL B 42 5.86 -7.96 -6.10
C VAL B 42 5.80 -8.63 -4.72
N ARG B 43 4.73 -8.38 -3.96
CA ARG B 43 4.52 -9.02 -2.66
C ARG B 43 4.47 -10.55 -2.72
N SER B 44 3.88 -11.10 -3.77
CA SER B 44 3.86 -12.55 -3.95
C SER B 44 5.27 -13.10 -4.13
N LYS B 45 6.10 -12.37 -4.88
CA LYS B 45 7.52 -12.74 -5.05
C LYS B 45 8.32 -12.56 -3.76
N LEU B 46 8.02 -11.50 -3.00
CA LEU B 46 8.69 -11.28 -1.71
C LEU B 46 8.46 -12.46 -0.76
N LYS B 47 7.21 -12.91 -0.70
CA LYS B 47 6.84 -14.11 0.06
C LYS B 47 7.56 -15.36 -0.45
N GLU B 48 7.53 -15.55 -1.76
CA GLU B 48 8.14 -16.73 -2.39
C GLU B 48 9.65 -16.80 -2.09
N TYR B 49 10.31 -15.68 -2.22
CA TYR B 49 11.73 -15.56 -2.01
C TYR B 49 12.11 -15.23 -0.61
N GLN B 50 11.17 -15.24 0.30
CA GLN B 50 11.43 -15.15 1.71
C GLN B 50 11.96 -13.84 2.27
N TYR B 51 11.27 -12.81 1.93
CA TYR B 51 11.57 -11.46 2.37
C TYR B 51 10.57 -10.98 3.42
N GLN B 52 11.06 -10.23 4.40
CA GLN B 52 10.21 -9.40 5.25
C GLN B 52 9.77 -8.17 4.46
N GLU B 53 8.70 -7.52 4.92
CA GLU B 53 8.32 -6.22 4.39
C GLU B 53 8.17 -5.20 5.51
N VAL B 54 8.84 -4.06 5.34
CA VAL B 54 8.86 -2.98 6.34
C VAL B 54 8.47 -1.65 5.70
N LYS B 55 8.32 -0.65 6.56
CA LYS B 55 8.10 0.73 6.14
C LYS B 55 8.89 1.65 7.06
N GLY B 56 9.69 2.53 6.46
CA GLY B 56 10.55 3.47 7.19
C GLY B 56 10.00 4.88 7.05
N PRO B 57 10.43 5.80 7.93
CA PRO B 57 9.89 7.16 7.88
C PRO B 57 10.31 7.94 6.62
N PHE B 58 9.53 8.96 6.32
CA PHE B 58 9.73 9.81 5.15
C PHE B 58 11.01 10.63 5.24
N MET B 59 11.37 11.07 6.44
CA MET B 59 12.58 11.88 6.67
C MET B 59 13.35 11.46 7.93
N MET B 60 14.64 11.73 7.91
CA MET B 60 15.54 11.50 9.05
C MET B 60 16.55 12.63 9.16
N ASP B 61 17.19 12.72 10.31
CA ASP B 61 18.15 13.78 10.65
C ASP B 61 19.32 13.82 9.66
N ARG B 62 19.77 15.03 9.33
CA ARG B 62 20.97 15.25 8.50
C ARG B 62 22.22 14.62 9.12
N VAL B 63 22.32 14.62 10.45
CA VAL B 63 23.43 14.01 11.19
C VAL B 63 23.60 12.54 10.79
N LEU B 64 22.49 11.80 10.77
CA LEU B 64 22.49 10.39 10.35
C LEU B 64 22.90 10.22 8.89
N TRP B 65 22.35 11.05 8.01
CA TRP B 65 22.68 10.99 6.57
C TRP B 65 24.14 11.34 6.26
N GLU B 66 24.76 12.20 7.08
CA GLU B 66 26.19 12.51 6.96
C GLU B 66 27.10 11.32 7.33
N LYS B 67 26.65 10.49 8.28
CA LYS B 67 27.37 9.27 8.68
C LYS B 67 27.42 8.17 7.61
N THR B 68 26.50 8.21 6.65
CA THR B 68 26.41 7.20 5.58
C THR B 68 27.54 7.30 4.55
N GLY B 69 28.09 8.50 4.39
CA GLY B 69 29.15 8.75 3.42
C GLY B 69 28.68 9.19 2.03
N HIS B 70 27.37 9.46 1.91
CA HIS B 70 26.77 9.94 0.65
C HIS B 70 26.69 11.45 0.58
N TRP B 71 26.90 12.13 1.69
CA TRP B 71 26.62 13.56 1.79
C TRP B 71 27.50 14.42 0.86
N ASP B 72 28.78 14.15 0.78
CA ASP B 72 29.67 14.91 -0.10
C ASP B 72 29.32 14.74 -1.59
N ASN B 73 28.93 13.53 -1.98
CA ASN B 73 28.62 13.21 -3.38
C ASN B 73 27.19 13.57 -3.82
N TYR B 74 26.25 13.60 -2.87
CA TYR B 74 24.81 13.74 -3.18
C TYR B 74 24.04 14.86 -2.46
N LYS B 75 24.72 15.75 -1.73
CA LYS B 75 24.03 16.81 -0.96
C LYS B 75 23.17 17.73 -1.84
N ASP B 76 23.63 18.00 -3.06
CA ASP B 76 22.88 18.80 -4.04
C ASP B 76 21.59 18.14 -4.55
N ALA B 77 21.57 16.81 -4.54
CA ALA B 77 20.40 16.01 -4.92
C ALA B 77 19.42 15.68 -3.77
N MET B 78 19.72 16.14 -2.55
CA MET B 78 18.86 15.94 -1.39
C MET B 78 17.79 17.03 -1.29
N PHE B 79 16.60 16.64 -0.84
CA PHE B 79 15.60 17.58 -0.35
C PHE B 79 15.76 17.69 1.16
N THR B 80 15.93 18.91 1.65
CA THR B 80 16.09 19.18 3.08
C THR B 80 14.96 20.07 3.61
N THR B 81 14.58 19.84 4.86
CA THR B 81 13.57 20.62 5.56
C THR B 81 13.98 20.74 7.01
N SER B 82 13.49 21.77 7.69
CA SER B 82 13.92 22.06 9.05
C SER B 82 12.77 22.02 10.06
N SER B 83 13.11 21.63 11.29
CA SER B 83 12.20 21.71 12.41
C SER B 83 13.01 21.87 13.69
N GLU B 84 12.73 22.94 14.43
CA GLU B 84 13.33 23.21 15.74
C GLU B 84 14.86 23.19 15.72
N ASN B 85 15.40 23.94 14.76
CA ASN B 85 16.85 24.10 14.55
C ASN B 85 17.60 22.78 14.31
N ARG B 86 16.92 21.86 13.63
CA ARG B 86 17.49 20.60 13.18
C ARG B 86 17.10 20.40 11.72
N GLU B 87 18.09 20.07 10.89
CA GLU B 87 17.86 19.82 9.47
C GLU B 87 17.58 18.33 9.24
N TYR B 88 16.49 18.06 8.53
CA TYR B 88 16.08 16.70 8.19
C TYR B 88 16.12 16.53 6.68
N CYS B 89 16.60 15.37 6.23
CA CYS B 89 16.54 15.00 4.82
C CYS B 89 15.32 14.16 4.54
N ILE B 90 14.62 14.51 3.45
CA ILE B 90 13.59 13.63 2.89
C ILE B 90 14.35 12.54 2.14
N LYS B 91 13.97 11.29 2.36
CA LYS B 91 14.83 10.17 1.95
C LYS B 91 14.93 9.99 0.43
N PRO B 92 16.16 9.91 -0.11
CA PRO B 92 16.41 9.47 -1.49
C PRO B 92 16.56 7.96 -1.62
N MET B 93 16.86 7.28 -0.50
CA MET B 93 17.05 5.84 -0.43
C MET B 93 16.54 5.32 0.90
N ASN B 94 16.27 4.02 0.93
CA ASN B 94 15.68 3.35 2.10
C ASN B 94 16.68 2.59 2.97
N CYS B 95 17.92 2.45 2.50
CA CYS B 95 18.95 1.61 3.14
C CYS B 95 19.20 2.00 4.59
N PRO B 96 19.46 3.29 4.85
CA PRO B 96 19.77 3.66 6.25
C PRO B 96 18.64 3.37 7.23
N GLY B 97 17.40 3.59 6.80
CA GLY B 97 16.22 3.22 7.60
C GLY B 97 16.10 1.73 7.88
N HIS B 98 16.50 0.91 6.91
CA HIS B 98 16.53 -0.55 7.07
C HIS B 98 17.57 -1.01 8.07
N VAL B 99 18.71 -0.32 8.10
CA VAL B 99 19.73 -0.57 9.12
C VAL B 99 19.18 -0.21 10.50
N GLN B 100 18.45 0.91 10.59
CA GLN B 100 17.84 1.35 11.85
C GLN B 100 16.92 0.25 12.44
N ILE B 101 16.13 -0.38 11.56
CA ILE B 101 15.29 -1.52 11.95
C ILE B 101 16.15 -2.74 12.36
N PHE B 102 17.18 -3.02 11.56
CA PHE B 102 18.13 -4.10 11.86
C PHE B 102 18.80 -3.94 13.24
N ASN B 103 19.08 -2.70 13.62
CA ASN B 103 19.74 -2.38 14.89
C ASN B 103 18.87 -2.52 16.14
N GLN B 104 17.55 -2.63 15.97
CA GLN B 104 16.64 -2.89 17.09
C GLN B 104 16.69 -4.38 17.47
N GLY B 105 17.07 -4.65 18.72
CA GLY B 105 17.17 -6.02 19.22
C GLY B 105 18.44 -6.73 18.77
N LEU B 106 18.93 -7.63 19.62
CA LEU B 106 20.18 -8.35 19.36
C LEU B 106 20.00 -9.34 18.20
N LYS B 107 20.91 -9.25 17.21
CA LYS B 107 20.93 -10.16 16.06
C LYS B 107 22.07 -11.17 16.19
N SER B 108 21.83 -12.40 15.71
CA SER B 108 22.86 -13.44 15.67
C SER B 108 23.02 -13.97 14.24
N TYR B 109 23.95 -14.92 14.07
CA TYR B 109 24.18 -15.60 12.79
C TYR B 109 22.95 -16.40 12.33
N ARG B 110 22.21 -16.95 13.29
CA ARG B 110 20.96 -17.69 13.04
C ARG B 110 19.82 -16.87 12.42
N ASP B 111 19.89 -15.54 12.54
CA ASP B 111 18.96 -14.60 11.89
C ASP B 111 19.34 -14.23 10.46
N LEU B 112 20.56 -14.57 10.04
CA LEU B 112 21.04 -14.28 8.69
C LEU B 112 20.89 -15.51 7.78
N PRO B 113 20.59 -15.34 6.49
CA PRO B 113 20.41 -14.04 5.84
C PRO B 113 19.06 -13.39 6.18
N LEU B 114 19.09 -12.10 6.48
CA LEU B 114 17.89 -11.33 6.80
C LEU B 114 17.60 -10.44 5.60
N ARG B 115 16.48 -10.73 4.94
CA ARG B 115 16.05 -10.03 3.72
C ARG B 115 14.90 -9.10 4.07
N MET B 116 15.14 -7.80 3.92
CA MET B 116 14.20 -6.75 4.30
C MET B 116 13.79 -5.90 3.09
N ALA B 117 12.54 -6.06 2.66
CA ALA B 117 11.98 -5.34 1.51
C ALA B 117 11.09 -4.17 1.93
N GLU B 118 10.99 -3.18 1.05
CA GLU B 118 10.08 -2.05 1.24
C GLU B 118 9.69 -1.46 -0.12
N PHE B 119 8.42 -1.09 -0.26
CA PHE B 119 7.99 -0.18 -1.34
C PHE B 119 8.30 1.24 -0.85
N GLY B 120 9.54 1.65 -1.10
CA GLY B 120 10.10 2.87 -0.52
C GLY B 120 9.85 4.12 -1.34
N SER B 121 9.04 5.03 -0.81
CA SER B 121 8.78 6.32 -1.41
C SER B 121 10.02 7.21 -1.28
N CYS B 122 10.69 7.45 -2.40
CA CYS B 122 11.94 8.19 -2.43
C CYS B 122 11.82 9.49 -3.22
N HIS B 123 12.55 10.52 -2.77
CA HIS B 123 12.61 11.79 -3.46
C HIS B 123 14.04 12.20 -3.72
N ARG B 124 14.32 12.60 -4.95
CA ARG B 124 15.64 13.10 -5.34
C ARG B 124 15.46 14.42 -6.08
N ASN B 125 16.18 15.44 -5.63
CA ASN B 125 16.10 16.79 -6.19
C ASN B 125 16.97 16.93 -7.44
N GLU B 126 16.39 16.52 -8.56
CA GLU B 126 17.09 16.52 -9.84
C GLU B 126 16.59 17.62 -10.77
N PRO B 127 17.44 18.09 -11.71
CA PRO B 127 17.11 19.25 -12.53
C PRO B 127 15.76 19.11 -13.23
N SER B 128 14.89 20.08 -13.00
CA SER B 128 13.50 20.05 -13.50
C SER B 128 13.40 19.98 -15.02
N GLY B 129 14.34 20.63 -15.70
CA GLY B 129 14.42 20.59 -17.17
C GLY B 129 14.64 19.20 -17.76
N ALA B 130 15.35 18.34 -17.03
CA ALA B 130 15.63 16.97 -17.45
C ALA B 130 14.45 16.01 -17.26
N LEU B 131 13.47 16.41 -16.44
CA LEU B 131 12.30 15.58 -16.16
C LEU B 131 11.43 15.38 -17.39
N HIS B 132 10.86 14.18 -17.53
CA HIS B 132 9.93 13.87 -18.62
C HIS B 132 9.07 12.63 -18.31
N GLY B 133 7.76 12.85 -18.19
CA GLY B 133 6.79 11.77 -18.01
C GLY B 133 7.00 10.98 -16.74
N LEU B 134 6.71 9.68 -16.80
CA LEU B 134 7.04 8.73 -15.73
C LEU B 134 8.46 8.15 -15.79
N MET B 135 9.20 8.42 -16.87
CA MET B 135 10.54 7.85 -17.05
C MET B 135 11.63 8.55 -16.22
N ARG B 136 11.57 9.87 -16.15
CA ARG B 136 12.50 10.67 -15.34
C ARG B 136 11.67 11.53 -14.38
N VAL B 137 11.72 11.18 -13.09
CA VAL B 137 10.88 11.80 -12.06
C VAL B 137 11.70 12.23 -10.84
N ARG B 138 11.07 13.01 -9.96
CA ARG B 138 11.65 13.42 -8.68
C ARG B 138 11.18 12.52 -7.55
N GLY B 139 9.87 12.30 -7.48
CA GLY B 139 9.27 11.42 -6.50
C GLY B 139 8.92 10.07 -7.12
N PHE B 140 9.44 8.99 -6.54
CA PHE B 140 9.21 7.64 -7.05
C PHE B 140 9.12 6.61 -5.92
N THR B 141 8.71 5.41 -6.29
CA THR B 141 8.53 4.31 -5.37
C THR B 141 9.40 3.14 -5.83
N GLN B 142 10.40 2.81 -5.02
CA GLN B 142 11.36 1.78 -5.32
C GLN B 142 10.85 0.43 -4.80
N ASP B 143 11.02 -0.63 -5.60
CA ASP B 143 10.80 -2.01 -5.16
C ASP B 143 12.11 -2.49 -4.50
N ASP B 144 12.40 -1.89 -3.34
CA ASP B 144 13.70 -1.97 -2.73
C ASP B 144 13.77 -3.15 -1.77
N ALA B 145 14.98 -3.62 -1.54
CA ALA B 145 15.24 -4.58 -0.50
C ALA B 145 16.70 -4.56 -0.13
N HIS B 146 16.96 -4.92 1.11
CA HIS B 146 18.31 -5.06 1.64
C HIS B 146 18.45 -6.39 2.33
N ILE B 147 19.49 -7.11 1.94
CA ILE B 147 19.80 -8.41 2.49
C ILE B 147 21.01 -8.23 3.39
N PHE B 148 20.83 -8.54 4.67
CA PHE B 148 21.92 -8.59 5.64
C PHE B 148 22.40 -10.02 5.72
N CYS B 149 23.68 -10.24 5.44
CA CYS B 149 24.22 -11.60 5.38
C CYS B 149 25.71 -11.65 5.72
N THR B 150 26.19 -12.88 5.90
CA THR B 150 27.61 -13.15 6.13
C THR B 150 28.35 -13.11 4.79
N GLU B 151 29.67 -13.08 4.86
CA GLU B 151 30.52 -13.15 3.66
C GLU B 151 30.32 -14.47 2.91
N GLU B 152 30.23 -15.56 3.68
N GLU B 152 30.22 -15.55 3.67
CA GLU B 152 29.97 -16.91 3.15
CA GLU B 152 29.98 -16.89 3.14
C GLU B 152 28.59 -17.06 2.49
C GLU B 152 28.58 -17.09 2.52
N GLN B 153 27.62 -16.25 2.90
CA GLN B 153 26.26 -16.29 2.31
C GLN B 153 26.06 -15.45 1.03
N ILE B 154 27.04 -14.58 0.69
CA ILE B 154 26.92 -13.62 -0.43
C ILE B 154 26.56 -14.32 -1.73
N ARG B 155 27.35 -15.31 -2.11
CA ARG B 155 27.20 -16.00 -3.39
C ARG B 155 25.80 -16.60 -3.57
N ASP B 156 25.32 -17.34 -2.57
CA ASP B 156 23.94 -17.87 -2.56
C ASP B 156 22.87 -16.75 -2.70
N GLU B 157 23.06 -15.63 -2.00
CA GLU B 157 22.07 -14.55 -2.01
C GLU B 157 22.02 -13.78 -3.33
N VAL B 158 23.18 -13.62 -3.98
CA VAL B 158 23.24 -13.06 -5.33
C VAL B 158 22.52 -14.00 -6.33
N ASN B 159 22.73 -15.31 -6.19
CA ASN B 159 22.03 -16.32 -6.99
C ASN B 159 20.52 -16.13 -6.95
N ALA B 160 19.99 -16.07 -5.74
CA ALA B 160 18.54 -15.88 -5.51
C ALA B 160 18.04 -14.54 -6.07
N CYS B 161 18.86 -13.50 -5.96
CA CYS B 161 18.56 -12.18 -6.56
C CYS B 161 18.47 -12.26 -8.08
N ILE B 162 19.43 -12.96 -8.69
CA ILE B 162 19.46 -13.14 -10.15
C ILE B 162 18.21 -13.86 -10.63
N ARG B 163 17.90 -14.98 -10.00
CA ARG B 163 16.67 -15.73 -10.27
C ARG B 163 15.42 -14.87 -10.13
N MET B 164 15.37 -14.05 -9.09
CA MET B 164 14.22 -13.17 -8.85
C MET B 164 14.06 -12.16 -10.00
N VAL B 165 15.18 -11.59 -10.44
CA VAL B 165 15.19 -10.65 -11.55
C VAL B 165 14.56 -11.25 -12.81
N TYR B 166 15.11 -12.38 -13.27
CA TYR B 166 14.66 -13.01 -14.52
C TYR B 166 13.23 -13.53 -14.45
N ASP B 167 12.88 -14.10 -13.29
CA ASP B 167 11.52 -14.54 -13.00
C ASP B 167 10.51 -13.40 -13.18
N MET B 168 10.79 -12.26 -12.53
CA MET B 168 9.87 -11.12 -12.59
C MET B 168 9.76 -10.48 -13.98
N TYR B 169 10.88 -10.34 -14.69
CA TYR B 169 10.86 -9.81 -16.06
C TYR B 169 10.06 -10.66 -17.02
N SER B 170 10.26 -11.96 -16.93
CA SER B 170 9.47 -12.96 -17.67
C SER B 170 7.96 -12.79 -17.56
N THR B 171 7.49 -12.54 -16.35
CA THR B 171 6.07 -12.28 -16.11
C THR B 171 5.49 -11.23 -17.07
N PHE B 172 6.27 -10.20 -17.38
CA PHE B 172 5.84 -9.12 -18.29
C PHE B 172 6.22 -9.31 -19.78
N GLY B 173 6.86 -10.43 -20.10
CA GLY B 173 7.30 -10.75 -21.46
C GLY B 173 8.68 -10.25 -21.85
N PHE B 174 9.47 -9.80 -20.87
CA PHE B 174 10.81 -9.27 -21.12
C PHE B 174 11.84 -10.41 -20.99
N GLU B 175 12.33 -10.86 -22.14
CA GLU B 175 13.33 -11.95 -22.24
C GLU B 175 14.72 -11.49 -22.68
N LYS B 176 14.81 -10.42 -23.48
CA LYS B 176 16.09 -9.87 -23.88
C LYS B 176 16.67 -9.02 -22.75
N ILE B 177 17.62 -9.60 -22.02
CA ILE B 177 18.23 -8.98 -20.85
C ILE B 177 19.74 -8.83 -21.05
N VAL B 178 20.25 -7.61 -20.89
CA VAL B 178 21.69 -7.34 -20.91
C VAL B 178 22.19 -7.07 -19.48
N VAL B 179 23.36 -7.64 -19.16
CA VAL B 179 23.90 -7.63 -17.80
C VAL B 179 25.31 -7.03 -17.81
N LYS B 180 25.57 -6.17 -16.83
CA LYS B 180 26.83 -5.45 -16.72
C LYS B 180 27.34 -5.50 -15.28
N LEU B 181 28.60 -5.92 -15.13
CA LEU B 181 29.24 -6.04 -13.81
C LEU B 181 30.28 -4.92 -13.62
N SER B 182 30.01 -4.03 -12.67
CA SER B 182 30.91 -2.90 -12.36
C SER B 182 31.98 -3.26 -11.34
N THR B 183 33.24 -3.07 -11.72
CA THR B 183 34.41 -3.45 -10.91
C THR B 183 34.97 -2.26 -10.13
N ARG B 184 35.99 -2.53 -9.32
CA ARG B 184 36.58 -1.57 -8.38
C ARG B 184 37.02 -0.23 -9.01
N PRO B 185 36.59 0.90 -8.41
CA PRO B 185 37.09 2.21 -8.82
C PRO B 185 38.41 2.55 -8.12
N ASP B 186 38.99 3.70 -8.50
CA ASP B 186 40.26 4.15 -7.91
C ASP B 186 40.05 4.59 -6.46
N LYS B 187 39.07 5.46 -6.26
CA LYS B 187 38.62 5.86 -4.91
C LYS B 187 37.67 4.79 -4.34
N ARG B 188 38.22 3.94 -3.47
CA ARG B 188 37.50 2.81 -2.89
C ARG B 188 38.02 2.48 -1.50
N ILE B 189 37.21 1.74 -0.75
CA ILE B 189 37.66 1.20 0.53
C ILE B 189 37.84 -0.29 0.39
N GLY B 190 38.52 -0.87 1.39
CA GLY B 190 38.79 -2.30 1.44
C GLY B 190 40.08 -2.63 0.74
N SER B 191 40.74 -3.69 1.20
CA SER B 191 41.91 -4.22 0.52
C SER B 191 41.52 -4.73 -0.87
N ASP B 192 42.49 -4.76 -1.78
CA ASP B 192 42.32 -5.38 -3.12
C ASP B 192 41.73 -6.80 -3.05
N GLU B 193 42.10 -7.52 -2.00
N GLU B 193 42.11 -7.51 -1.99
CA GLU B 193 41.63 -8.89 -1.74
CA GLU B 193 41.64 -8.86 -1.69
C GLU B 193 40.13 -9.00 -1.45
C GLU B 193 40.13 -8.98 -1.48
N MET B 194 39.56 -7.99 -0.79
CA MET B 194 38.09 -7.94 -0.58
C MET B 194 37.36 -7.82 -1.92
N TRP B 195 37.92 -7.00 -2.81
CA TRP B 195 37.37 -6.77 -4.13
C TRP B 195 37.55 -7.95 -5.08
N ASP B 196 38.64 -8.71 -4.90
CA ASP B 196 38.83 -9.95 -5.65
C ASP B 196 37.70 -10.93 -5.35
N ARG B 197 37.41 -11.14 -4.07
CA ARG B 197 36.31 -12.02 -3.62
C ARG B 197 34.94 -11.48 -4.03
N ALA B 198 34.71 -10.20 -3.77
CA ALA B 198 33.42 -9.54 -4.06
C ALA B 198 33.04 -9.57 -5.54
N GLU B 199 33.98 -9.22 -6.41
CA GLU B 199 33.78 -9.29 -7.86
C GLU B 199 33.59 -10.71 -8.38
N ALA B 200 34.31 -11.67 -7.76
CA ALA B 200 34.18 -13.10 -8.09
C ALA B 200 32.81 -13.66 -7.68
N ASP B 201 32.31 -13.23 -6.51
CA ASP B 201 30.97 -13.62 -6.06
C ASP B 201 29.90 -13.26 -7.08
N LEU B 202 29.99 -12.05 -7.64
CA LEU B 202 29.05 -11.60 -8.67
C LEU B 202 29.27 -12.31 -10.00
N ALA B 203 30.53 -12.47 -10.38
CA ALA B 203 30.90 -13.09 -11.66
C ALA B 203 30.49 -14.56 -11.71
N VAL B 204 30.91 -15.32 -10.71
CA VAL B 204 30.61 -16.76 -10.64
C VAL B 204 29.09 -17.02 -10.59
N ALA B 205 28.37 -16.26 -9.77
CA ALA B 205 26.90 -16.34 -9.70
C ALA B 205 26.27 -16.18 -11.09
N LEU B 206 26.76 -15.23 -11.88
CA LEU B 206 26.31 -15.06 -13.25
C LEU B 206 26.77 -16.19 -14.18
N GLU B 207 28.02 -16.62 -14.01
CA GLU B 207 28.61 -17.73 -14.81
C GLU B 207 27.88 -19.04 -14.60
N GLU B 208 27.55 -19.33 -13.35
CA GLU B 208 26.83 -20.56 -13.00
C GLU B 208 25.40 -20.58 -13.49
N ASN B 209 24.83 -19.41 -13.76
CA ASN B 209 23.50 -19.32 -14.36
C ASN B 209 23.50 -19.11 -15.86
N ASN B 210 24.66 -19.30 -16.48
CA ASN B 210 24.86 -19.06 -17.91
C ASN B 210 24.35 -17.73 -18.44
N ILE B 211 24.55 -16.69 -17.64
CA ILE B 211 24.18 -15.35 -18.04
C ILE B 211 25.44 -14.67 -18.52
N PRO B 212 25.49 -14.32 -19.82
CA PRO B 212 26.65 -13.58 -20.29
C PRO B 212 26.56 -12.12 -19.86
N PHE B 213 27.72 -11.52 -19.60
CA PHE B 213 27.79 -10.15 -19.14
C PHE B 213 29.06 -9.46 -19.61
N GLU B 214 29.01 -8.14 -19.64
CA GLU B 214 30.17 -7.29 -19.94
C GLU B 214 30.66 -6.63 -18.66
N TYR B 215 31.97 -6.48 -18.52
CA TYR B 215 32.54 -5.75 -17.38
C TYR B 215 32.43 -4.23 -17.62
N GLN B 216 32.24 -3.49 -16.53
CA GLN B 216 32.25 -2.02 -16.52
C GLN B 216 33.39 -1.58 -15.63
N LEU B 217 34.56 -1.38 -16.23
CA LEU B 217 35.77 -1.20 -15.44
C LEU B 217 35.80 0.17 -14.77
N GLY B 218 36.00 0.16 -13.45
CA GLY B 218 36.08 1.37 -12.65
C GLY B 218 34.78 2.11 -12.35
N GLU B 219 33.64 1.53 -12.73
CA GLU B 219 32.32 2.17 -12.55
C GLU B 219 31.59 1.70 -11.28
N GLY B 220 32.25 0.85 -10.49
CA GLY B 220 31.71 0.43 -9.19
C GLY B 220 31.74 1.53 -8.12
N ALA B 221 30.94 1.32 -7.08
CA ALA B 221 30.88 2.23 -5.92
C ALA B 221 32.14 2.11 -5.08
N PHE B 222 32.37 3.08 -4.19
CA PHE B 222 33.48 2.98 -3.23
C PHE B 222 33.28 1.83 -2.23
N TYR B 223 32.02 1.51 -1.97
CA TYR B 223 31.65 0.48 -0.98
C TYR B 223 31.49 -0.95 -1.53
N GLY B 224 31.49 -1.11 -2.85
CA GLY B 224 31.45 -2.45 -3.44
C GLY B 224 31.09 -2.50 -4.91
N PRO B 225 31.26 -3.67 -5.55
CA PRO B 225 30.86 -3.87 -6.95
C PRO B 225 29.37 -4.17 -7.07
N LYS B 226 28.86 -4.09 -8.30
CA LYS B 226 27.43 -4.28 -8.58
C LYS B 226 27.17 -4.94 -9.94
N ILE B 227 26.00 -5.58 -10.03
CA ILE B 227 25.44 -6.05 -11.29
C ILE B 227 24.25 -5.16 -11.60
N GLU B 228 24.15 -4.70 -12.84
CA GLU B 228 22.97 -4.01 -13.34
C GLU B 228 22.32 -4.79 -14.48
N PHE B 229 20.99 -4.77 -14.48
CA PHE B 229 20.19 -5.53 -15.42
C PHE B 229 19.39 -4.57 -16.28
N THR B 230 19.50 -4.74 -17.59
CA THR B 230 18.82 -3.87 -18.56
C THR B 230 17.93 -4.76 -19.41
N LEU B 231 16.64 -4.43 -19.44
CA LEU B 231 15.67 -5.11 -20.29
C LEU B 231 15.40 -4.31 -21.56
N TYR B 232 14.86 -4.99 -22.55
CA TYR B 232 14.53 -4.39 -23.84
C TYR B 232 13.06 -4.57 -24.14
N ASP B 233 12.39 -3.47 -24.52
CA ASP B 233 10.97 -3.48 -24.86
C ASP B 233 10.77 -3.90 -26.33
N CYS B 234 9.53 -3.93 -26.79
CA CYS B 234 9.20 -4.39 -28.16
C CYS B 234 9.75 -3.50 -29.29
N LEU B 235 10.09 -2.25 -28.97
CA LEU B 235 10.85 -1.37 -29.87
C LEU B 235 12.38 -1.44 -29.70
N ASP B 236 12.86 -2.43 -28.94
CA ASP B 236 14.28 -2.68 -28.73
C ASP B 236 15.02 -1.51 -28.05
N ARG B 237 14.30 -0.77 -27.20
CA ARG B 237 14.89 0.29 -26.38
C ARG B 237 15.37 -0.29 -25.07
N ALA B 238 16.55 0.16 -24.63
CA ALA B 238 17.17 -0.31 -23.39
C ALA B 238 16.59 0.40 -22.17
N TRP B 239 16.23 -0.37 -21.15
CA TRP B 239 15.73 0.15 -19.88
C TRP B 239 16.46 -0.50 -18.71
N GLN B 240 17.48 0.18 -18.20
CA GLN B 240 18.19 -0.24 -16.99
C GLN B 240 17.23 -0.14 -15.82
N CYS B 241 16.86 -1.29 -15.26
CA CYS B 241 15.86 -1.38 -14.20
C CYS B 241 16.41 -2.06 -12.94
N GLY B 242 16.97 -3.25 -13.13
CA GLY B 242 17.45 -4.08 -12.03
C GLY B 242 18.86 -3.73 -11.58
N THR B 243 19.11 -3.92 -10.29
CA THR B 243 20.44 -3.70 -9.70
C THR B 243 20.65 -4.64 -8.53
N VAL B 244 21.89 -5.12 -8.39
CA VAL B 244 22.34 -5.87 -7.22
C VAL B 244 23.68 -5.26 -6.81
N GLN B 245 23.73 -4.66 -5.63
CA GLN B 245 24.89 -3.86 -5.18
C GLN B 245 25.41 -4.33 -3.81
N LEU B 246 26.64 -4.84 -3.81
CA LEU B 246 27.33 -5.24 -2.56
C LEU B 246 27.85 -4.00 -1.81
N ASP B 247 27.86 -4.07 -0.48
CA ASP B 247 28.17 -2.93 0.37
C ASP B 247 28.93 -3.37 1.64
N PHE B 248 30.20 -3.02 1.71
CA PHE B 248 31.07 -3.32 2.87
C PHE B 248 31.40 -2.03 3.65
N SER B 249 30.45 -1.12 3.73
CA SER B 249 30.68 0.23 4.28
C SER B 249 29.53 0.71 5.17
N LEU B 250 28.33 0.80 4.59
CA LEU B 250 27.18 1.37 5.30
C LEU B 250 26.82 0.67 6.62
N PRO B 251 26.88 -0.69 6.67
CA PRO B 251 26.60 -1.37 7.94
C PRO B 251 27.57 -1.00 9.08
N SER B 252 28.85 -0.95 8.78
CA SER B 252 29.87 -0.48 9.73
C SER B 252 29.62 0.97 10.15
N ARG B 253 29.48 1.85 9.15
CA ARG B 253 29.22 3.27 9.37
C ARG B 253 27.98 3.58 10.22
N LEU B 254 26.95 2.73 10.12
CA LEU B 254 25.72 2.87 10.93
C LEU B 254 25.62 1.88 12.11
N SER B 255 26.76 1.38 12.58
CA SER B 255 26.88 0.57 13.80
C SER B 255 26.03 -0.72 13.77
N ALA B 256 25.96 -1.35 12.59
CA ALA B 256 25.28 -2.63 12.45
C ALA B 256 26.21 -3.76 12.83
N SER B 257 25.70 -4.71 13.60
CA SER B 257 26.45 -5.91 13.98
C SER B 257 25.53 -7.05 14.40
N TYR B 258 26.12 -8.23 14.46
CA TYR B 258 25.45 -9.45 14.93
C TYR B 258 26.47 -10.33 15.66
N VAL B 259 25.96 -11.21 16.50
CA VAL B 259 26.80 -12.16 17.23
C VAL B 259 27.04 -13.39 16.34
N GLY B 260 28.29 -13.59 15.95
CA GLY B 260 28.67 -14.72 15.10
C GLY B 260 28.63 -16.07 15.79
N GLU B 261 28.94 -17.10 15.02
CA GLU B 261 28.96 -18.48 15.51
C GLU B 261 30.12 -18.78 16.47
N ASP B 262 31.18 -17.96 16.40
CA ASP B 262 32.32 -18.02 17.35
C ASP B 262 32.19 -17.07 18.56
N ASN B 263 30.96 -16.61 18.85
CA ASN B 263 30.66 -15.73 20.00
C ASN B 263 31.45 -14.42 19.97
N GLU B 264 31.35 -13.70 18.85
CA GLU B 264 32.04 -12.42 18.66
C GLU B 264 31.27 -11.49 17.72
N ARG B 265 31.47 -10.18 17.88
CA ARG B 265 30.79 -9.16 17.08
C ARG B 265 31.33 -9.07 15.66
N LYS B 266 30.47 -9.35 14.69
CA LYS B 266 30.80 -9.28 13.26
C LYS B 266 29.90 -8.24 12.59
N VAL B 267 30.47 -7.48 11.65
CA VAL B 267 29.72 -6.54 10.83
C VAL B 267 29.14 -7.31 9.64
N PRO B 268 27.81 -7.20 9.41
CA PRO B 268 27.21 -7.93 8.30
C PRO B 268 27.48 -7.25 6.95
N VAL B 269 27.50 -8.06 5.90
CA VAL B 269 27.54 -7.55 4.55
C VAL B 269 26.10 -7.17 4.16
N MET B 270 25.96 -6.06 3.46
CA MET B 270 24.66 -5.61 2.93
C MET B 270 24.63 -5.75 1.41
N ILE B 271 23.55 -6.35 0.90
CA ILE B 271 23.25 -6.38 -0.53
C ILE B 271 22.04 -5.48 -0.81
N HIS B 272 22.24 -4.48 -1.67
CA HIS B 272 21.15 -3.64 -2.19
C HIS B 272 20.58 -4.31 -3.42
N ARG B 273 19.27 -4.32 -3.56
CA ARG B 273 18.65 -4.80 -4.79
C ARG B 273 17.27 -4.22 -5.01
N ALA B 274 17.07 -3.78 -6.26
CA ALA B 274 15.76 -3.42 -6.80
C ALA B 274 15.70 -4.11 -8.14
N ILE B 275 14.51 -4.55 -8.54
CA ILE B 275 14.31 -5.34 -9.76
C ILE B 275 13.59 -4.53 -10.82
N LEU B 276 12.38 -4.09 -10.50
CA LEU B 276 11.63 -3.19 -11.36
C LEU B 276 12.30 -1.81 -11.44
N GLY B 277 12.94 -1.41 -10.33
CA GLY B 277 13.68 -0.15 -10.25
C GLY B 277 12.85 0.97 -9.65
N SER B 278 11.86 1.38 -10.40
CA SER B 278 10.93 2.44 -9.99
C SER B 278 9.55 1.98 -10.45
N MET B 279 8.60 1.94 -9.53
CA MET B 279 7.24 1.49 -9.84
C MET B 279 6.60 2.38 -10.92
N GLU B 280 6.86 3.69 -10.83
CA GLU B 280 6.30 4.68 -11.75
C GLU B 280 6.85 4.48 -13.16
N ARG B 281 8.17 4.37 -13.23
CA ARG B 281 8.90 4.16 -14.49
C ARG B 281 8.57 2.81 -15.13
N PHE B 282 8.47 1.77 -14.31
CA PHE B 282 8.09 0.45 -14.82
C PHE B 282 6.70 0.48 -15.43
N ILE B 283 5.77 1.12 -14.75
CA ILE B 283 4.41 1.32 -15.28
C ILE B 283 4.47 2.10 -16.59
N GLY B 284 5.34 3.12 -16.64
CA GLY B 284 5.63 3.83 -17.89
C GLY B 284 6.04 2.86 -19.00
N ILE B 285 7.04 2.04 -18.70
CA ILE B 285 7.54 1.06 -19.66
C ILE B 285 6.45 0.07 -20.09
N LEU B 286 5.69 -0.45 -19.13
CA LEU B 286 4.61 -1.39 -19.41
C LEU B 286 3.51 -0.78 -20.27
N THR B 287 3.12 0.45 -19.94
CA THR B 287 2.10 1.17 -20.70
C THR B 287 2.48 1.29 -22.19
N GLU B 288 3.76 1.57 -22.45
CA GLU B 288 4.27 1.66 -23.82
C GLU B 288 4.41 0.28 -24.46
N GLU B 289 4.97 -0.68 -23.72
CA GLU B 289 5.15 -2.06 -24.18
C GLU B 289 3.85 -2.68 -24.72
N PHE B 290 2.76 -2.45 -23.99
CA PHE B 290 1.44 -2.98 -24.35
C PHE B 290 0.57 -2.01 -25.12
N ALA B 291 1.01 -0.75 -25.23
CA ALA B 291 0.25 0.32 -25.89
C ALA B 291 -1.15 0.46 -25.28
N GLY B 292 -1.22 0.37 -23.95
CA GLY B 292 -2.50 0.45 -23.21
C GLY B 292 -3.28 -0.86 -23.07
N PHE B 293 -2.92 -1.88 -23.84
CA PHE B 293 -3.57 -3.20 -23.75
C PHE B 293 -2.91 -4.00 -22.62
N PHE B 294 -3.20 -3.58 -21.38
CA PHE B 294 -2.61 -4.21 -20.21
C PHE B 294 -3.11 -5.63 -20.11
N PRO B 295 -2.22 -6.59 -19.75
CA PRO B 295 -2.74 -7.93 -19.53
C PRO B 295 -3.81 -7.94 -18.44
N THR B 296 -4.78 -8.83 -18.57
CA THR B 296 -6.02 -8.80 -17.78
C THR B 296 -5.78 -8.58 -16.28
N TRP B 297 -4.75 -9.21 -15.72
CA TRP B 297 -4.45 -9.03 -14.29
C TRP B 297 -4.12 -7.58 -13.89
N LEU B 298 -3.47 -6.86 -14.80
CA LEU B 298 -3.14 -5.44 -14.59
C LEU B 298 -4.23 -4.46 -15.01
N ALA B 299 -5.17 -4.89 -15.84
CA ALA B 299 -6.11 -3.95 -16.45
C ALA B 299 -6.98 -3.28 -15.36
N PRO B 300 -7.15 -1.95 -15.41
CA PRO B 300 -7.97 -1.24 -14.42
C PRO B 300 -9.40 -1.75 -14.33
N VAL B 301 -10.00 -1.99 -15.50
CA VAL B 301 -11.31 -2.61 -15.64
C VAL B 301 -11.13 -3.85 -16.52
N GLN B 302 -11.36 -5.02 -15.93
CA GLN B 302 -11.08 -6.29 -16.58
C GLN B 302 -12.23 -6.73 -17.49
N VAL B 303 -13.46 -6.49 -17.04
CA VAL B 303 -14.66 -6.92 -17.76
C VAL B 303 -15.75 -5.84 -17.73
N VAL B 304 -16.38 -5.63 -18.88
CA VAL B 304 -17.64 -4.89 -18.94
C VAL B 304 -18.74 -5.82 -19.45
N VAL B 305 -19.80 -5.93 -18.65
CA VAL B 305 -20.98 -6.71 -19.00
C VAL B 305 -22.02 -5.73 -19.51
N MET B 306 -22.65 -6.06 -20.64
CA MET B 306 -23.60 -5.15 -21.30
C MET B 306 -24.82 -5.86 -21.91
N ASN B 307 -25.94 -5.12 -21.89
CA ASN B 307 -27.21 -5.56 -22.50
C ASN B 307 -27.42 -4.99 -23.90
N ILE B 308 -28.43 -5.53 -24.58
CA ILE B 308 -28.92 -4.99 -25.86
C ILE B 308 -30.02 -3.98 -25.55
N THR B 309 -31.04 -4.44 -24.83
CA THR B 309 -32.18 -3.62 -24.40
C THR B 309 -32.38 -3.73 -22.88
N ASP B 310 -33.32 -2.93 -22.37
CA ASP B 310 -33.71 -2.92 -20.95
C ASP B 310 -34.15 -4.31 -20.45
N SER B 311 -34.75 -5.10 -21.34
CA SER B 311 -35.17 -6.49 -21.08
C SER B 311 -34.14 -7.35 -20.33
N GLN B 312 -32.86 -7.24 -20.68
CA GLN B 312 -31.78 -8.06 -20.09
C GLN B 312 -31.04 -7.41 -18.89
N SER B 313 -31.55 -6.30 -18.36
CA SER B 313 -30.86 -5.55 -17.31
C SER B 313 -30.56 -6.36 -16.04
N GLU B 314 -31.55 -7.10 -15.55
CA GLU B 314 -31.42 -7.90 -14.33
C GLU B 314 -30.40 -9.02 -14.50
N TYR B 315 -30.41 -9.69 -15.64
CA TYR B 315 -29.44 -10.75 -15.95
C TYR B 315 -28.01 -10.22 -15.98
N VAL B 316 -27.81 -9.03 -16.56
CA VAL B 316 -26.51 -8.35 -16.55
C VAL B 316 -26.04 -8.03 -15.12
N ASN B 317 -26.93 -7.45 -14.30
CA ASN B 317 -26.62 -7.15 -12.90
C ASN B 317 -26.28 -8.38 -12.06
N GLU B 318 -27.02 -9.46 -12.28
CA GLU B 318 -26.75 -10.75 -11.62
C GLU B 318 -25.41 -11.34 -12.07
N LEU B 319 -25.15 -11.26 -13.37
CA LEU B 319 -23.88 -11.70 -13.94
C LEU B 319 -22.71 -10.84 -13.43
N THR B 320 -22.94 -9.53 -13.33
CA THR B 320 -21.96 -8.58 -12.78
C THR B 320 -21.60 -8.95 -11.34
N GLN B 321 -22.62 -9.20 -10.53
CA GLN B 321 -22.44 -9.58 -9.12
C GLN B 321 -21.62 -10.87 -8.98
N LYS B 322 -21.91 -11.87 -9.82
CA LYS B 322 -21.15 -13.13 -9.83
C LYS B 322 -19.67 -12.90 -10.15
N LEU B 323 -19.40 -12.08 -11.16
CA LEU B 323 -18.04 -11.70 -11.55
C LEU B 323 -17.30 -10.94 -10.44
N GLN B 324 -18.01 -10.05 -9.75
CA GLN B 324 -17.46 -9.35 -8.60
C GLN B 324 -17.10 -10.29 -7.44
N ASN B 325 -17.98 -11.25 -7.15
CA ASN B 325 -17.71 -12.30 -6.16
C ASN B 325 -16.50 -13.18 -6.48
N ALA B 326 -16.27 -13.42 -7.77
CA ALA B 326 -15.10 -14.18 -8.25
C ALA B 326 -13.78 -13.37 -8.20
N GLY B 327 -13.85 -12.10 -7.81
CA GLY B 327 -12.67 -11.25 -7.60
C GLY B 327 -12.24 -10.48 -8.83
N ILE B 328 -13.17 -10.24 -9.75
CA ILE B 328 -12.90 -9.61 -11.04
C ILE B 328 -13.37 -8.15 -10.97
N ARG B 329 -12.55 -7.25 -11.51
CA ARG B 329 -12.90 -5.83 -11.61
C ARG B 329 -13.85 -5.67 -12.79
N VAL B 330 -15.13 -5.51 -12.46
CA VAL B 330 -16.22 -5.55 -13.41
C VAL B 330 -17.10 -4.30 -13.29
N LYS B 331 -17.59 -3.85 -14.44
CA LYS B 331 -18.51 -2.71 -14.53
C LYS B 331 -19.72 -3.12 -15.38
N ALA B 332 -20.90 -2.67 -14.95
CA ALA B 332 -22.13 -2.88 -15.71
C ALA B 332 -22.34 -1.71 -16.66
N ASP B 333 -22.78 -2.02 -17.88
CA ASP B 333 -23.11 -1.00 -18.91
C ASP B 333 -24.54 -1.25 -19.43
N LEU B 334 -25.50 -0.56 -18.80
CA LEU B 334 -26.93 -0.72 -19.12
C LEU B 334 -27.51 0.44 -19.94
N ARG B 335 -26.65 1.19 -20.63
CA ARG B 335 -27.05 2.40 -21.34
C ARG B 335 -27.90 2.10 -22.58
N ASN B 336 -28.78 3.04 -22.93
CA ASN B 336 -29.60 2.93 -24.12
C ASN B 336 -28.77 3.38 -25.35
N GLU B 337 -27.88 2.50 -25.77
CA GLU B 337 -26.97 2.73 -26.88
C GLU B 337 -26.83 1.46 -27.70
N LYS B 338 -26.51 1.63 -28.98
CA LYS B 338 -26.26 0.51 -29.88
C LYS B 338 -25.07 -0.32 -29.41
N ILE B 339 -25.12 -1.63 -29.67
CA ILE B 339 -24.07 -2.56 -29.24
C ILE B 339 -22.69 -2.20 -29.82
N GLY B 340 -22.66 -1.77 -31.09
CA GLY B 340 -21.44 -1.31 -31.76
C GLY B 340 -20.79 -0.09 -31.11
N PHE B 341 -21.61 0.79 -30.55
CA PHE B 341 -21.15 1.95 -29.78
C PHE B 341 -20.48 1.52 -28.48
N LYS B 342 -21.17 0.70 -27.70
CA LYS B 342 -20.68 0.19 -26.41
C LYS B 342 -19.36 -0.54 -26.56
N ILE B 343 -19.36 -1.54 -27.43
CA ILE B 343 -18.17 -2.36 -27.70
C ILE B 343 -16.98 -1.49 -28.12
N ARG B 344 -17.25 -0.46 -28.93
CA ARG B 344 -16.20 0.46 -29.34
C ARG B 344 -15.58 1.24 -28.18
N GLU B 345 -16.43 1.78 -27.30
CA GLU B 345 -15.97 2.58 -26.18
C GLU B 345 -15.02 1.79 -25.26
N HIS B 346 -15.43 0.57 -24.94
CA HIS B 346 -14.64 -0.28 -24.07
C HIS B 346 -13.47 -0.98 -24.76
N THR B 347 -13.54 -1.12 -26.08
CA THR B 347 -12.37 -1.49 -26.87
C THR B 347 -11.34 -0.35 -26.86
N LEU B 348 -11.81 0.90 -26.92
CA LEU B 348 -10.92 2.08 -26.85
C LEU B 348 -10.32 2.25 -25.46
N ARG B 349 -11.13 1.98 -24.44
CA ARG B 349 -10.64 1.94 -23.05
C ARG B 349 -9.71 0.75 -22.75
N ARG B 350 -9.61 -0.20 -23.67
CA ARG B 350 -8.73 -1.38 -23.58
C ARG B 350 -9.19 -2.36 -22.47
N VAL B 351 -10.50 -2.49 -22.32
CA VAL B 351 -11.10 -3.49 -21.43
C VAL B 351 -10.87 -4.87 -22.08
N PRO B 352 -10.16 -5.79 -21.38
CA PRO B 352 -9.85 -7.11 -21.95
C PRO B 352 -11.07 -7.83 -22.53
N TYR B 353 -12.14 -7.94 -21.74
CA TYR B 353 -13.33 -8.69 -22.14
C TYR B 353 -14.62 -7.89 -22.09
N MET B 354 -15.46 -8.14 -23.08
CA MET B 354 -16.75 -7.50 -23.21
C MET B 354 -17.84 -8.58 -23.32
N LEU B 355 -18.68 -8.62 -22.29
CA LEU B 355 -19.70 -9.65 -22.11
C LEU B 355 -21.06 -9.12 -22.53
N VAL B 356 -21.53 -9.58 -23.68
CA VAL B 356 -22.80 -9.14 -24.28
C VAL B 356 -23.91 -10.12 -23.91
N CYS B 357 -25.06 -9.58 -23.50
CA CYS B 357 -26.22 -10.38 -23.06
C CYS B 357 -27.49 -9.99 -23.80
N GLY B 358 -27.85 -10.77 -24.83
CA GLY B 358 -29.13 -10.66 -25.52
C GLY B 358 -30.16 -11.60 -24.91
N ASP B 359 -31.33 -11.69 -25.54
CA ASP B 359 -32.41 -12.60 -25.10
C ASP B 359 -31.98 -14.07 -25.15
N LYS B 360 -31.28 -14.43 -26.22
CA LYS B 360 -30.69 -15.76 -26.40
C LYS B 360 -29.80 -16.15 -25.22
N GLU B 361 -28.99 -15.19 -24.77
CA GLU B 361 -28.06 -15.39 -23.64
C GLU B 361 -28.76 -15.54 -22.27
N VAL B 362 -29.82 -14.77 -22.07
CA VAL B 362 -30.63 -14.84 -20.82
C VAL B 362 -31.29 -16.22 -20.71
N GLU B 363 -32.06 -16.58 -21.74
CA GLU B 363 -32.81 -17.84 -21.78
C GLU B 363 -31.93 -19.09 -21.69
N ALA B 364 -30.76 -19.04 -22.33
CA ALA B 364 -29.82 -20.19 -22.39
C ALA B 364 -28.86 -20.27 -21.21
N GLY B 365 -28.79 -19.23 -20.37
CA GLY B 365 -27.83 -19.16 -19.27
C GLY B 365 -26.39 -19.02 -19.74
N LYS B 366 -26.19 -18.23 -20.79
CA LYS B 366 -24.89 -18.07 -21.45
C LYS B 366 -24.51 -16.60 -21.55
N VAL B 367 -23.35 -16.34 -22.14
CA VAL B 367 -22.90 -14.97 -22.40
C VAL B 367 -22.00 -14.95 -23.65
N ALA B 368 -22.16 -13.90 -24.45
CA ALA B 368 -21.38 -13.71 -25.66
C ALA B 368 -20.13 -12.86 -25.37
N VAL B 369 -18.96 -13.46 -25.59
CA VAL B 369 -17.68 -12.85 -25.22
C VAL B 369 -16.94 -12.36 -26.45
N ARG B 370 -16.52 -11.10 -26.38
CA ARG B 370 -15.64 -10.49 -27.37
C ARG B 370 -14.45 -9.85 -26.67
N THR B 371 -13.28 -9.95 -27.29
CA THR B 371 -12.07 -9.33 -26.77
C THR B 371 -11.85 -7.97 -27.42
N ARG B 372 -11.11 -7.12 -26.73
CA ARG B 372 -10.65 -5.83 -27.27
C ARG B 372 -9.77 -5.96 -28.53
N ARG B 373 -9.16 -7.12 -28.71
CA ARG B 373 -8.41 -7.44 -29.95
C ARG B 373 -9.31 -7.81 -31.14
N GLY B 374 -10.63 -7.75 -30.95
CA GLY B 374 -11.60 -7.93 -32.03
C GLY B 374 -11.97 -9.37 -32.32
N LYS B 375 -11.81 -10.24 -31.33
CA LYS B 375 -12.08 -11.68 -31.49
C LYS B 375 -13.40 -12.05 -30.82
N ASP B 376 -14.33 -12.57 -31.63
CA ASP B 376 -15.64 -13.02 -31.17
C ASP B 376 -15.55 -14.50 -30.77
N LEU B 377 -15.69 -14.78 -29.48
CA LEU B 377 -15.62 -16.15 -28.95
C LEU B 377 -16.97 -16.85 -28.85
N GLY B 378 -18.04 -16.14 -29.24
CA GLY B 378 -19.38 -16.70 -29.31
C GLY B 378 -20.05 -16.83 -27.95
N SER B 379 -21.23 -17.46 -27.96
CA SER B 379 -22.02 -17.68 -26.76
C SER B 379 -21.44 -18.86 -25.96
N LEU B 380 -20.93 -18.56 -24.76
CA LEU B 380 -20.33 -19.56 -23.88
C LEU B 380 -21.06 -19.64 -22.55
N ASP B 381 -20.93 -20.79 -21.88
CA ASP B 381 -21.53 -20.99 -20.56
C ASP B 381 -20.89 -20.05 -19.54
N VAL B 382 -21.72 -19.49 -18.65
CA VAL B 382 -21.31 -18.39 -17.79
C VAL B 382 -20.26 -18.81 -16.75
N ASN B 383 -20.49 -19.95 -16.10
CA ASN B 383 -19.49 -20.56 -15.20
C ASN B 383 -18.15 -20.87 -15.87
N ASP B 384 -18.21 -21.40 -17.09
N ASP B 384 -18.21 -21.39 -17.09
CA ASP B 384 -17.01 -21.69 -17.90
CA ASP B 384 -17.01 -21.70 -17.87
C ASP B 384 -16.18 -20.44 -18.15
C ASP B 384 -16.18 -20.45 -18.19
N VAL B 385 -16.86 -19.32 -18.41
CA VAL B 385 -16.20 -18.03 -18.66
C VAL B 385 -15.54 -17.46 -17.41
N ILE B 386 -16.25 -17.50 -16.28
CA ILE B 386 -15.72 -16.97 -15.02
C ILE B 386 -14.44 -17.72 -14.63
N GLU B 387 -14.47 -19.04 -14.75
CA GLU B 387 -13.32 -19.89 -14.42
C GLU B 387 -12.09 -19.56 -15.27
N LYS B 388 -12.30 -19.38 -16.57
CA LYS B 388 -11.21 -19.05 -17.50
C LYS B 388 -10.65 -17.63 -17.27
N LEU B 389 -11.53 -16.69 -16.94
CA LEU B 389 -11.12 -15.34 -16.52
C LEU B 389 -10.34 -15.36 -15.21
N GLN B 390 -10.81 -16.18 -14.27
CA GLN B 390 -10.16 -16.31 -12.97
C GLN B 390 -8.76 -16.90 -13.12
N GLN B 391 -8.63 -17.92 -13.96
CA GLN B 391 -7.35 -18.57 -14.23
C GLN B 391 -6.37 -17.60 -14.90
N GLU B 392 -6.86 -16.90 -15.92
CA GLU B 392 -6.06 -15.89 -16.62
C GLU B 392 -5.53 -14.80 -15.68
N ILE B 393 -6.40 -14.32 -14.79
CA ILE B 393 -6.03 -13.29 -13.81
C ILE B 393 -5.04 -13.83 -12.79
N ARG B 394 -5.37 -14.94 -12.16
CA ARG B 394 -4.54 -15.51 -11.09
C ARG B 394 -3.19 -16.08 -11.54
N SER B 395 -3.13 -16.61 -12.75
CA SER B 395 -1.86 -17.04 -13.37
C SER B 395 -1.06 -15.87 -13.99
N ARG B 396 -1.68 -14.69 -14.07
CA ARG B 396 -1.09 -13.49 -14.68
C ARG B 396 -0.61 -13.74 -16.11
N SER B 397 -1.49 -14.32 -16.92
CA SER B 397 -1.16 -14.64 -18.31
C SER B 397 -1.02 -13.36 -19.15
N LEU B 398 -0.07 -13.36 -20.08
CA LEU B 398 0.08 -12.27 -21.06
C LEU B 398 -0.98 -12.35 -22.16
N GLN B 399 -1.43 -13.56 -22.48
CA GLN B 399 -2.37 -13.78 -23.58
C GLN B 399 -3.81 -13.92 -23.09
N GLN B 400 -4.74 -13.58 -23.98
CA GLN B 400 -6.18 -13.72 -23.75
C GLN B 400 -6.66 -15.08 -24.32
N LEU B 401 -7.96 -15.34 -24.22
CA LEU B 401 -8.54 -16.60 -24.74
C LEU B 401 -8.58 -16.63 -26.27
#